data_4BW5
#
_entry.id   4BW5
#
_cell.length_a   87.830
_cell.length_b   96.960
_cell.length_c   103.700
_cell.angle_alpha   90.00
_cell.angle_beta   92.58
_cell.angle_gamma   90.00
#
_symmetry.space_group_name_H-M   'P 1 21 1'
#
loop_
_entity.id
_entity.type
_entity.pdbx_description
1 polymer 'POTASSIUM CHANNEL SUBFAMILY K MEMBER 10'
2 non-polymer 'POTASSIUM ION'
3 non-polymer 'CADMIUM ION'
4 non-polymer 1,2-DIACYL-SN-GLYCERO-3-PHOSPHOCHOLINE
#
_entity_poly.entity_id   1
_entity_poly.type   'polypeptide(L)'
_entity_poly.pdbx_seq_one_letter_code
;MGLQTVMKWKTVVAIFVVVVVYLVTGGLVFRALEQPFESSQKNTIALEKAEFLRDHVCVSPQELETLIQHALDADNAGVS
PIGNSSNNSSHWDLGSAFFFAGTVITTIGYGNIAPSTEGGKIFCILYAIFGIPLFGFLLAGIGDQLGTIFGKSIARVEKV
FRKKQVSQTKIRVISTILFILAGCIVFVTIPAVIFKYIEGWTALESIYFVVVTLTTVGFGDFVAGGNAGINYREWYKPLV
WFWILVGLAYFAAVLSMIGDWLRVLSKKTKEEVGEAENLYFQ
;
_entity_poly.pdbx_strand_id   A,B,C,D
#
loop_
_chem_comp.id
_chem_comp.type
_chem_comp.name
_chem_comp.formula
CD non-polymer 'CADMIUM ION' 'Cd 2'
K non-polymer 'POTASSIUM ION' 'K 1'
PC1 non-polymer 1,2-DIACYL-SN-GLYCERO-3-PHOSPHOCHOLINE 'C44 H88 N O8 P'
#
# COMPACT_ATOMS: atom_id res chain seq x y z
N LYS A 8 -14.34 -14.46 -61.03
CA LYS A 8 -15.51 -15.32 -61.15
C LYS A 8 -15.97 -15.83 -59.79
N TRP A 9 -17.30 -15.79 -59.54
CA TRP A 9 -17.93 -16.23 -58.29
C TRP A 9 -17.77 -17.74 -58.05
N LYS A 10 -17.83 -18.54 -59.15
CA LYS A 10 -17.69 -20.01 -59.16
C LYS A 10 -16.36 -20.47 -58.56
N THR A 11 -15.27 -19.71 -58.80
CA THR A 11 -13.93 -19.98 -58.29
C THR A 11 -13.77 -19.42 -56.87
N VAL A 12 -14.49 -18.32 -56.53
CA VAL A 12 -14.47 -17.67 -55.21
C VAL A 12 -15.03 -18.64 -54.14
N VAL A 13 -16.14 -19.32 -54.47
CA VAL A 13 -16.80 -20.31 -53.59
C VAL A 13 -15.84 -21.51 -53.39
N ALA A 14 -15.13 -21.93 -54.46
CA ALA A 14 -14.16 -23.04 -54.43
C ALA A 14 -13.02 -22.76 -53.43
N ILE A 15 -12.38 -21.57 -53.52
CA ILE A 15 -11.28 -21.14 -52.62
C ILE A 15 -11.83 -21.05 -51.18
N PHE A 16 -13.07 -20.54 -51.00
CA PHE A 16 -13.72 -20.41 -49.69
C PHE A 16 -13.86 -21.78 -49.00
N VAL A 17 -14.32 -22.81 -49.75
CA VAL A 17 -14.49 -24.18 -49.26
C VAL A 17 -13.12 -24.76 -48.84
N VAL A 18 -12.06 -24.51 -49.64
CA VAL A 18 -10.68 -24.94 -49.35
C VAL A 18 -10.20 -24.29 -48.05
N VAL A 19 -10.37 -22.95 -47.92
CA VAL A 19 -9.96 -22.16 -46.74
C VAL A 19 -10.75 -22.65 -45.48
N VAL A 20 -12.09 -22.82 -45.59
CA VAL A 20 -12.95 -23.28 -44.48
C VAL A 20 -12.47 -24.67 -44.01
N VAL A 21 -12.17 -25.59 -44.95
CA VAL A 21 -11.66 -26.93 -44.64
C VAL A 21 -10.28 -26.80 -43.95
N TYR A 22 -9.39 -25.96 -44.52
CA TYR A 22 -8.05 -25.66 -44.02
C TYR A 22 -8.10 -25.11 -42.58
N LEU A 23 -9.15 -24.33 -42.25
CA LEU A 23 -9.31 -23.78 -40.90
C LEU A 23 -9.80 -24.85 -39.92
N VAL A 24 -10.79 -25.67 -40.34
CA VAL A 24 -11.34 -26.78 -39.54
C VAL A 24 -10.20 -27.76 -39.22
N THR A 25 -9.39 -28.12 -40.24
CA THR A 25 -8.21 -28.99 -40.13
C THR A 25 -7.20 -28.37 -39.15
N GLY A 26 -6.84 -27.10 -39.37
CA GLY A 26 -5.91 -26.34 -38.54
C GLY A 26 -6.30 -26.27 -37.07
N GLY A 27 -7.58 -25.99 -36.83
CA GLY A 27 -8.17 -25.92 -35.51
C GLY A 27 -8.11 -27.23 -34.74
N LEU A 28 -8.30 -28.36 -35.45
CA LEU A 28 -8.24 -29.68 -34.84
C LEU A 28 -6.81 -30.05 -34.47
N VAL A 29 -5.82 -29.69 -35.33
CA VAL A 29 -4.40 -29.98 -35.07
C VAL A 29 -3.92 -29.11 -33.89
N PHE A 30 -4.35 -27.83 -33.84
CA PHE A 30 -3.97 -26.90 -32.77
C PHE A 30 -4.52 -27.36 -31.41
N ARG A 31 -5.81 -27.79 -31.34
CA ARG A 31 -6.38 -28.27 -30.06
C ARG A 31 -5.75 -29.60 -29.64
N ALA A 32 -5.35 -30.44 -30.60
CA ALA A 32 -4.68 -31.73 -30.33
C ALA A 32 -3.33 -31.48 -29.65
N LEU A 33 -2.65 -30.40 -30.05
CA LEU A 33 -1.35 -29.99 -29.52
C LEU A 33 -1.45 -29.07 -28.30
N GLU A 34 -2.54 -28.28 -28.17
CA GLU A 34 -2.65 -27.27 -27.11
C GLU A 34 -3.65 -27.54 -25.96
N GLN A 35 -4.85 -28.10 -26.23
CA GLN A 35 -5.87 -28.34 -25.20
C GLN A 35 -5.35 -29.18 -23.99
N PRO A 36 -4.52 -30.26 -24.16
CA PRO A 36 -4.04 -30.98 -22.96
C PRO A 36 -3.16 -30.11 -22.05
N PHE A 37 -2.34 -29.20 -22.64
CA PHE A 37 -1.48 -28.29 -21.88
C PHE A 37 -2.33 -27.20 -21.20
N GLU A 38 -3.42 -26.75 -21.86
CA GLU A 38 -4.34 -25.73 -21.33
C GLU A 38 -5.01 -26.27 -20.06
N SER A 39 -5.49 -27.52 -20.12
CA SER A 39 -6.13 -28.23 -19.01
C SER A 39 -5.12 -28.42 -17.86
N SER A 40 -3.83 -28.65 -18.21
CA SER A 40 -2.72 -28.83 -17.27
C SER A 40 -2.47 -27.53 -16.50
N GLN A 41 -2.46 -26.38 -17.20
CA GLN A 41 -2.26 -25.06 -16.57
C GLN A 41 -3.50 -24.62 -15.79
N LYS A 42 -4.70 -25.11 -16.17
CA LYS A 42 -5.96 -24.80 -15.48
C LYS A 42 -5.95 -25.42 -14.06
N ASN A 43 -5.36 -26.62 -13.94
CA ASN A 43 -5.22 -27.38 -12.71
C ASN A 43 -4.04 -26.85 -11.87
N THR A 44 -2.93 -26.43 -12.53
CA THR A 44 -1.70 -25.91 -11.89
C THR A 44 -1.98 -24.61 -11.12
N ILE A 45 -2.70 -23.65 -11.73
CA ILE A 45 -3.04 -22.37 -11.06
C ILE A 45 -4.02 -22.63 -9.91
N ALA A 46 -4.94 -23.60 -10.09
CA ALA A 46 -5.92 -23.99 -9.07
C ALA A 46 -5.22 -24.50 -7.79
N LEU A 47 -4.17 -25.33 -7.98
CA LEU A 47 -3.38 -25.91 -6.89
C LEU A 47 -2.41 -24.89 -6.29
N GLU A 48 -1.80 -24.01 -7.12
CA GLU A 48 -0.85 -22.98 -6.67
C GLU A 48 -1.54 -21.93 -5.79
N LYS A 49 -2.80 -21.58 -6.11
CA LYS A 49 -3.61 -20.63 -5.34
C LYS A 49 -4.03 -21.28 -4.02
N ALA A 50 -4.44 -22.56 -4.07
CA ALA A 50 -4.87 -23.36 -2.91
C ALA A 50 -3.73 -23.60 -1.91
N GLU A 51 -2.49 -23.76 -2.42
CA GLU A 51 -1.29 -23.99 -1.61
C GLU A 51 -0.89 -22.69 -0.88
N PHE A 52 -1.05 -21.53 -1.56
CA PHE A 52 -0.72 -20.21 -1.01
C PHE A 52 -1.64 -19.87 0.17
N LEU A 53 -2.94 -20.18 0.04
CA LEU A 53 -3.95 -19.94 1.08
C LEU A 53 -3.76 -20.88 2.28
N ARG A 54 -3.13 -22.06 2.07
CA ARG A 54 -2.81 -23.03 3.12
C ARG A 54 -1.60 -22.57 3.92
N ASP A 55 -0.50 -22.24 3.21
CA ASP A 55 0.78 -21.78 3.76
C ASP A 55 0.66 -20.40 4.40
N HIS A 56 -0.20 -19.53 3.83
CA HIS A 56 -0.44 -18.19 4.35
C HIS A 56 -1.90 -18.06 4.79
N VAL A 57 -2.14 -18.25 6.09
CA VAL A 57 -3.46 -18.22 6.73
C VAL A 57 -3.96 -16.79 6.94
N CYS A 58 -3.02 -15.82 7.10
CA CYS A 58 -3.34 -14.41 7.32
C CYS A 58 -3.96 -13.75 6.05
N VAL A 59 -3.94 -14.48 4.91
CA VAL A 59 -4.51 -14.06 3.61
C VAL A 59 -5.83 -14.82 3.37
N SER A 60 -6.93 -14.08 3.14
CA SER A 60 -8.25 -14.64 2.86
C SER A 60 -8.41 -14.87 1.34
N PRO A 61 -9.34 -15.75 0.87
CA PRO A 61 -9.48 -15.96 -0.58
C PRO A 61 -9.88 -14.70 -1.35
N GLN A 62 -10.49 -13.71 -0.66
CA GLN A 62 -10.91 -12.47 -1.31
C GLN A 62 -9.71 -11.55 -1.58
N GLU A 63 -8.80 -11.35 -0.57
CA GLU A 63 -7.62 -10.49 -0.74
C GLU A 63 -6.59 -11.13 -1.69
N LEU A 64 -6.67 -12.45 -1.93
CA LEU A 64 -5.80 -13.16 -2.87
C LEU A 64 -6.21 -12.77 -4.29
N GLU A 65 -7.52 -12.82 -4.60
CA GLU A 65 -8.07 -12.46 -5.93
C GLU A 65 -7.85 -10.99 -6.24
N THR A 66 -7.92 -10.11 -5.21
CA THR A 66 -7.75 -8.66 -5.32
C THR A 66 -6.33 -8.32 -5.78
N LEU A 67 -5.30 -8.96 -5.19
CA LEU A 67 -3.91 -8.75 -5.60
C LEU A 67 -3.70 -9.30 -7.01
N ILE A 68 -4.17 -10.55 -7.27
CA ILE A 68 -4.05 -11.20 -8.57
C ILE A 68 -4.69 -10.27 -9.64
N GLN A 69 -5.84 -9.64 -9.31
CA GLN A 69 -6.55 -8.71 -10.17
C GLN A 69 -5.71 -7.44 -10.41
N HIS A 70 -5.12 -6.87 -9.31
CA HIS A 70 -4.26 -5.68 -9.36
C HIS A 70 -3.02 -5.92 -10.25
N ALA A 71 -2.44 -7.15 -10.16
CA ALA A 71 -1.28 -7.58 -10.92
C ALA A 71 -1.61 -7.68 -12.42
N LEU A 72 -2.81 -8.22 -12.76
CA LEU A 72 -3.27 -8.36 -14.14
C LEU A 72 -3.52 -6.99 -14.78
N ASP A 73 -4.16 -6.06 -14.03
CA ASP A 73 -4.45 -4.69 -14.44
C ASP A 73 -3.16 -3.97 -14.84
N ALA A 74 -2.08 -4.19 -14.06
CA ALA A 74 -0.77 -3.61 -14.29
C ALA A 74 -0.14 -4.18 -15.54
N ASP A 75 -0.24 -5.52 -15.74
CA ASP A 75 0.31 -6.23 -16.88
C ASP A 75 -0.40 -5.83 -18.17
N ASN A 76 -1.75 -5.62 -18.11
CA ASN A 76 -2.57 -5.18 -19.24
C ASN A 76 -2.12 -3.79 -19.70
N ALA A 77 -1.77 -2.92 -18.74
CA ALA A 77 -1.30 -1.56 -18.99
C ALA A 77 0.18 -1.52 -19.44
N GLY A 78 0.83 -2.67 -19.51
CA GLY A 78 2.22 -2.81 -19.94
C GLY A 78 3.23 -2.53 -18.86
N VAL A 79 2.88 -2.87 -17.60
CA VAL A 79 3.73 -2.70 -16.41
C VAL A 79 3.86 -4.07 -15.75
N SER A 80 5.09 -4.61 -15.66
CA SER A 80 5.29 -5.93 -15.04
C SER A 80 5.04 -5.85 -13.54
N PRO A 81 4.14 -6.68 -12.98
CA PRO A 81 3.92 -6.65 -11.53
C PRO A 81 5.00 -7.45 -10.78
N ILE A 82 6.18 -7.63 -11.41
CA ILE A 82 7.33 -8.34 -10.87
C ILE A 82 8.42 -7.30 -10.54
N GLY A 83 9.03 -7.43 -9.35
CA GLY A 83 10.08 -6.54 -8.88
C GLY A 83 9.57 -5.21 -8.39
N ASN A 88 12.00 1.48 -13.04
CA ASN A 88 12.97 2.39 -13.65
C ASN A 88 12.84 2.42 -15.18
N SER A 89 12.66 1.24 -15.81
CA SER A 89 12.52 1.11 -17.27
C SER A 89 11.13 1.59 -17.76
N SER A 90 11.04 1.98 -19.03
CA SER A 90 9.80 2.47 -19.64
C SER A 90 9.56 1.81 -21.02
N HIS A 91 8.29 1.81 -21.47
CA HIS A 91 7.86 1.28 -22.76
C HIS A 91 7.52 2.41 -23.74
N TRP A 92 7.49 3.66 -23.23
CA TRP A 92 7.15 4.82 -24.04
C TRP A 92 8.31 5.82 -24.15
N ASP A 93 9.57 5.36 -23.89
CA ASP A 93 10.73 6.24 -24.05
C ASP A 93 10.99 6.46 -25.54
N LEU A 94 11.65 7.58 -25.90
CA LEU A 94 11.97 8.02 -27.27
C LEU A 94 12.23 6.83 -28.25
N GLY A 95 13.03 5.86 -27.81
CA GLY A 95 13.39 4.68 -28.59
C GLY A 95 12.33 3.58 -28.62
N SER A 96 11.77 3.25 -27.45
CA SER A 96 10.73 2.20 -27.30
C SER A 96 9.41 2.60 -27.96
N ALA A 97 9.09 3.91 -27.96
CA ALA A 97 7.88 4.45 -28.59
C ALA A 97 8.02 4.45 -30.10
N PHE A 98 9.26 4.66 -30.61
CA PHE A 98 9.62 4.63 -32.03
C PHE A 98 9.36 3.22 -32.59
N PHE A 99 9.78 2.18 -31.83
CA PHE A 99 9.59 0.78 -32.19
C PHE A 99 8.10 0.43 -32.14
N PHE A 100 7.33 1.01 -31.17
CA PHE A 100 5.89 0.78 -31.08
C PHE A 100 5.21 1.28 -32.35
N ALA A 101 5.56 2.51 -32.77
CA ALA A 101 5.05 3.15 -33.98
C ALA A 101 5.31 2.23 -35.19
N GLY A 102 6.53 1.71 -35.28
CA GLY A 102 6.97 0.79 -36.32
C GLY A 102 6.15 -0.49 -36.39
N THR A 103 5.75 -1.01 -35.22
CA THR A 103 4.92 -2.21 -35.05
C THR A 103 3.52 -2.02 -35.67
N VAL A 104 2.96 -0.79 -35.55
CA VAL A 104 1.65 -0.42 -36.09
C VAL A 104 1.72 -0.32 -37.63
N ILE A 105 2.74 0.39 -38.14
CA ILE A 105 3.01 0.70 -39.55
C ILE A 105 3.28 -0.58 -40.36
N THR A 106 4.01 -1.55 -39.77
CA THR A 106 4.36 -2.82 -40.40
C THR A 106 3.20 -3.84 -40.33
N THR A 107 2.11 -3.49 -39.61
CA THR A 107 0.90 -4.29 -39.32
C THR A 107 1.20 -5.56 -38.48
N ILE A 108 2.39 -5.60 -37.81
CA ILE A 108 2.78 -6.72 -36.96
C ILE A 108 1.84 -6.74 -35.74
N GLY A 109 1.73 -5.59 -35.06
CA GLY A 109 0.87 -5.38 -33.90
C GLY A 109 1.02 -6.42 -32.82
N TYR A 110 2.20 -6.46 -32.17
CA TYR A 110 2.55 -7.38 -31.09
C TYR A 110 1.54 -7.33 -29.96
N GLY A 111 1.11 -6.13 -29.59
CA GLY A 111 0.12 -5.96 -28.54
C GLY A 111 0.61 -6.18 -27.12
N ASN A 112 1.95 -6.39 -26.93
CA ASN A 112 2.59 -6.48 -25.62
C ASN A 112 2.39 -5.13 -24.94
N ILE A 113 2.42 -4.07 -25.76
CA ILE A 113 2.07 -2.72 -25.40
C ILE A 113 1.10 -2.23 -26.49
N ALA A 114 0.09 -1.45 -26.06
CA ALA A 114 -0.97 -0.88 -26.90
C ALA A 114 -1.50 0.39 -26.22
N PRO A 115 -2.06 1.38 -26.97
CA PRO A 115 -2.56 2.60 -26.31
C PRO A 115 -3.73 2.35 -25.35
N SER A 116 -3.60 2.85 -24.11
CA SER A 116 -4.59 2.75 -23.04
C SER A 116 -5.46 4.02 -22.98
N THR A 117 -4.89 5.17 -23.35
CA THR A 117 -5.54 6.48 -23.38
C THR A 117 -6.53 6.53 -24.55
N GLU A 118 -7.68 7.23 -24.33
CA GLU A 118 -8.73 7.45 -25.34
C GLU A 118 -8.13 8.21 -26.52
N GLY A 119 -7.29 9.20 -26.22
CA GLY A 119 -6.57 9.99 -27.22
C GLY A 119 -5.53 9.17 -27.95
N GLY A 120 -4.80 8.34 -27.20
CA GLY A 120 -3.79 7.42 -27.73
C GLY A 120 -4.40 6.42 -28.69
N LYS A 121 -5.66 5.99 -28.42
CA LYS A 121 -6.44 5.09 -29.27
C LYS A 121 -6.89 5.84 -30.55
N ILE A 122 -7.37 7.10 -30.41
CA ILE A 122 -7.79 7.98 -31.51
C ILE A 122 -6.60 8.20 -32.46
N PHE A 123 -5.43 8.60 -31.88
CA PHE A 123 -4.23 8.87 -32.66
C PHE A 123 -3.75 7.61 -33.39
N CYS A 124 -3.82 6.43 -32.73
CA CYS A 124 -3.43 5.16 -33.34
C CYS A 124 -4.30 4.81 -34.56
N ILE A 125 -5.61 5.15 -34.54
CA ILE A 125 -6.53 4.91 -35.66
C ILE A 125 -6.02 5.69 -36.90
N LEU A 126 -5.84 7.02 -36.73
CA LEU A 126 -5.36 7.91 -37.80
C LEU A 126 -3.94 7.52 -38.23
N TYR A 127 -3.04 7.21 -37.27
CA TYR A 127 -1.64 6.84 -37.49
C TYR A 127 -1.52 5.59 -38.37
N ALA A 128 -2.34 4.55 -38.09
CA ALA A 128 -2.35 3.31 -38.87
C ALA A 128 -2.88 3.52 -40.30
N ILE A 129 -4.07 4.19 -40.42
CA ILE A 129 -4.77 4.50 -41.67
C ILE A 129 -3.84 5.15 -42.71
N PHE A 130 -3.01 6.13 -42.31
CA PHE A 130 -2.10 6.83 -43.22
C PHE A 130 -0.68 6.26 -43.21
N GLY A 131 -0.30 5.62 -42.11
CA GLY A 131 1.03 5.04 -41.95
C GLY A 131 1.31 3.74 -42.66
N ILE A 132 0.32 2.81 -42.66
CA ILE A 132 0.43 1.51 -43.32
C ILE A 132 0.66 1.72 -44.85
N PRO A 133 -0.11 2.59 -45.58
CA PRO A 133 0.19 2.80 -47.02
C PRO A 133 1.58 3.39 -47.25
N LEU A 134 2.02 4.32 -46.37
CA LEU A 134 3.34 4.98 -46.41
C LEU A 134 4.46 3.93 -46.35
N PHE A 135 4.31 2.90 -45.48
CA PHE A 135 5.27 1.81 -45.35
C PHE A 135 5.27 0.94 -46.60
N GLY A 136 4.10 0.76 -47.20
CA GLY A 136 3.90 -0.02 -48.42
C GLY A 136 4.84 0.37 -49.54
N PHE A 137 5.11 1.68 -49.67
CA PHE A 137 6.05 2.23 -50.65
C PHE A 137 7.48 1.85 -50.31
N LEU A 138 7.86 1.98 -49.01
CA LEU A 138 9.21 1.63 -48.53
C LEU A 138 9.47 0.14 -48.70
N LEU A 139 8.46 -0.70 -48.41
CA LEU A 139 8.54 -2.16 -48.54
C LEU A 139 8.66 -2.58 -50.01
N ALA A 140 7.97 -1.86 -50.92
CA ALA A 140 8.02 -2.11 -52.36
C ALA A 140 9.39 -1.70 -52.92
N GLY A 141 9.93 -0.61 -52.36
CA GLY A 141 11.22 -0.05 -52.70
C GLY A 141 12.37 -0.94 -52.29
N ILE A 142 12.30 -1.52 -51.06
CA ILE A 142 13.31 -2.46 -50.54
C ILE A 142 13.17 -3.79 -51.31
N GLY A 143 11.94 -4.15 -51.67
CA GLY A 143 11.62 -5.34 -52.46
C GLY A 143 12.22 -5.31 -53.85
N ASP A 144 12.25 -4.12 -54.48
CA ASP A 144 12.85 -3.91 -55.81
C ASP A 144 14.37 -3.90 -55.70
N GLN A 145 14.92 -3.31 -54.62
CA GLN A 145 16.35 -3.20 -54.35
C GLN A 145 16.95 -4.57 -54.04
N LEU A 146 16.25 -5.42 -53.24
CA LEU A 146 16.70 -6.77 -52.91
C LEU A 146 16.66 -7.65 -54.16
N GLY A 147 15.65 -7.44 -55.01
CA GLY A 147 15.48 -8.14 -56.28
C GLY A 147 16.58 -7.83 -57.28
N THR A 148 17.31 -6.71 -57.05
CA THR A 148 18.43 -6.25 -57.88
C THR A 148 19.73 -6.81 -57.29
N ILE A 149 19.87 -6.83 -55.94
CA ILE A 149 21.03 -7.37 -55.22
C ILE A 149 21.11 -8.89 -55.42
N PHE A 150 20.00 -9.61 -55.16
CA PHE A 150 19.89 -11.06 -55.30
C PHE A 150 19.78 -11.49 -56.77
N GLY A 151 19.25 -10.60 -57.62
CA GLY A 151 19.10 -10.83 -59.05
C GLY A 151 20.41 -10.81 -59.83
N LYS A 152 21.33 -9.90 -59.44
CA LYS A 152 22.66 -9.75 -60.03
C LYS A 152 23.58 -10.87 -59.58
N SER A 153 23.43 -11.33 -58.32
CA SER A 153 24.23 -12.42 -57.74
C SER A 153 23.81 -13.79 -58.31
N ILE A 154 22.50 -13.99 -58.59
CA ILE A 154 21.97 -15.24 -59.15
C ILE A 154 22.39 -15.39 -60.62
N ALA A 155 22.40 -14.26 -61.38
CA ALA A 155 22.78 -14.20 -62.80
C ALA A 155 24.24 -14.61 -63.01
N ARG A 156 25.12 -14.33 -62.03
CA ARG A 156 26.55 -14.70 -62.06
C ARG A 156 26.71 -16.23 -62.00
N VAL A 157 25.83 -16.89 -61.22
CA VAL A 157 25.78 -18.34 -61.07
C VAL A 157 25.09 -18.98 -62.27
N GLU A 158 24.01 -18.33 -62.78
CA GLU A 158 23.21 -18.76 -63.93
C GLU A 158 24.04 -18.84 -65.21
N LYS A 159 25.00 -17.91 -65.38
CA LYS A 159 25.89 -17.83 -66.54
C LYS A 159 26.90 -18.99 -66.54
N VAL A 160 27.31 -19.46 -65.34
CA VAL A 160 28.26 -20.55 -65.15
C VAL A 160 27.67 -21.89 -65.63
N PHE A 161 26.41 -22.20 -65.25
CA PHE A 161 25.72 -23.42 -65.63
C PHE A 161 25.31 -23.44 -67.11
N ARG A 162 25.09 -22.24 -67.72
CA ARG A 162 24.73 -22.09 -69.13
C ARG A 162 25.86 -22.61 -70.03
N LYS A 163 27.13 -22.40 -69.61
CA LYS A 163 28.33 -22.85 -70.30
C LYS A 163 28.51 -24.36 -70.12
N ILE A 171 16.33 -24.71 -64.41
CA ILE A 171 17.16 -23.54 -64.12
C ILE A 171 16.42 -22.59 -63.17
N ARG A 172 15.13 -22.30 -63.46
CA ARG A 172 14.27 -21.42 -62.64
C ARG A 172 14.00 -22.03 -61.26
N VAL A 173 13.91 -23.38 -61.19
CA VAL A 173 13.70 -24.15 -59.96
C VAL A 173 14.98 -24.04 -59.09
N ILE A 174 16.16 -24.20 -59.73
CA ILE A 174 17.49 -24.12 -59.11
C ILE A 174 17.77 -22.70 -58.56
N SER A 175 17.21 -21.66 -59.20
CA SER A 175 17.36 -20.25 -58.81
C SER A 175 16.46 -19.92 -57.61
N THR A 176 15.26 -20.53 -57.56
CA THR A 176 14.26 -20.32 -56.50
C THR A 176 14.76 -20.95 -55.18
N ILE A 177 15.34 -22.17 -55.26
CA ILE A 177 15.89 -22.90 -54.11
C ILE A 177 17.11 -22.11 -53.55
N LEU A 178 17.94 -21.55 -54.45
CA LEU A 178 19.14 -20.78 -54.11
C LEU A 178 18.79 -19.48 -53.37
N PHE A 179 17.76 -18.74 -53.82
CA PHE A 179 17.32 -17.49 -53.20
C PHE A 179 16.71 -17.72 -51.80
N ILE A 180 15.83 -18.74 -51.68
CA ILE A 180 15.16 -19.10 -50.42
C ILE A 180 16.21 -19.50 -49.37
N LEU A 181 17.14 -20.41 -49.72
CA LEU A 181 18.21 -20.89 -48.84
C LEU A 181 19.16 -19.77 -48.40
N ALA A 182 19.55 -18.86 -49.34
CA ALA A 182 20.46 -17.74 -49.05
C ALA A 182 19.83 -16.74 -48.09
N GLY A 183 18.62 -16.28 -48.43
CA GLY A 183 17.85 -15.33 -47.62
C GLY A 183 17.43 -15.88 -46.28
N CYS A 184 17.18 -17.20 -46.20
CA CYS A 184 16.79 -17.88 -44.96
C CYS A 184 17.93 -17.85 -43.94
N ILE A 185 19.18 -17.81 -44.41
CA ILE A 185 20.36 -17.74 -43.57
C ILE A 185 20.49 -16.31 -43.00
N VAL A 186 20.46 -15.30 -43.89
CA VAL A 186 20.64 -13.87 -43.60
C VAL A 186 19.47 -13.27 -42.78
N PHE A 187 18.20 -13.55 -43.15
CA PHE A 187 17.02 -12.95 -42.52
C PHE A 187 16.34 -13.81 -41.44
N VAL A 188 16.51 -15.14 -41.44
CA VAL A 188 15.84 -16.00 -40.46
C VAL A 188 16.86 -16.61 -39.47
N THR A 189 17.84 -17.40 -39.96
CA THR A 189 18.83 -18.13 -39.16
C THR A 189 19.73 -17.20 -38.31
N ILE A 190 20.53 -16.32 -38.96
CA ILE A 190 21.45 -15.39 -38.27
C ILE A 190 20.69 -14.52 -37.21
N PRO A 191 19.55 -13.83 -37.52
CA PRO A 191 18.88 -13.03 -36.48
C PRO A 191 18.32 -13.86 -35.32
N ALA A 192 17.81 -15.09 -35.59
CA ALA A 192 17.29 -15.99 -34.55
C ALA A 192 18.39 -16.37 -33.55
N VAL A 193 19.64 -16.56 -34.04
CA VAL A 193 20.83 -16.88 -33.24
C VAL A 193 21.11 -15.70 -32.27
N ILE A 194 20.97 -14.45 -32.79
CA ILE A 194 21.18 -13.21 -32.04
C ILE A 194 20.10 -13.06 -30.96
N PHE A 195 18.80 -13.28 -31.30
CA PHE A 195 17.68 -13.17 -30.34
C PHE A 195 17.74 -14.24 -29.25
N LYS A 196 18.33 -15.42 -29.55
CA LYS A 196 18.50 -16.52 -28.59
C LYS A 196 19.54 -16.15 -27.54
N TYR A 197 20.53 -15.35 -27.93
CA TYR A 197 21.63 -14.90 -27.07
C TYR A 197 21.29 -13.59 -26.32
N ILE A 198 20.69 -12.59 -27.01
CA ILE A 198 20.37 -11.29 -26.41
C ILE A 198 19.14 -11.41 -25.48
N GLU A 199 17.97 -11.79 -26.03
CA GLU A 199 16.73 -11.90 -25.26
C GLU A 199 16.69 -13.15 -24.36
N GLY A 200 17.49 -14.17 -24.69
CA GLY A 200 17.58 -15.41 -23.93
C GLY A 200 16.48 -16.42 -24.18
N TRP A 201 16.13 -16.63 -25.46
CA TRP A 201 15.08 -17.58 -25.85
C TRP A 201 15.70 -18.91 -26.35
N THR A 202 14.87 -19.95 -26.52
CA THR A 202 15.32 -21.26 -27.03
C THR A 202 15.47 -21.17 -28.55
N ALA A 203 16.14 -22.16 -29.18
CA ALA A 203 16.34 -22.22 -30.63
C ALA A 203 14.99 -22.18 -31.37
N LEU A 204 13.99 -22.92 -30.85
CA LEU A 204 12.63 -23.01 -31.39
C LEU A 204 11.93 -21.68 -31.26
N GLU A 205 11.90 -21.11 -30.04
CA GLU A 205 11.25 -19.84 -29.69
C GLU A 205 11.80 -18.66 -30.50
N SER A 206 13.09 -18.71 -30.88
CA SER A 206 13.71 -17.65 -31.68
C SER A 206 13.21 -17.73 -33.14
N ILE A 207 13.22 -18.94 -33.75
CA ILE A 207 12.73 -19.20 -35.12
C ILE A 207 11.22 -18.86 -35.16
N TYR A 208 10.46 -19.31 -34.13
CA TYR A 208 9.03 -19.05 -33.97
C TYR A 208 8.76 -17.54 -33.96
N PHE A 209 9.56 -16.77 -33.19
CA PHE A 209 9.46 -15.30 -33.12
C PHE A 209 9.69 -14.67 -34.49
N VAL A 210 10.75 -15.10 -35.21
CA VAL A 210 11.13 -14.60 -36.53
C VAL A 210 9.96 -14.80 -37.53
N VAL A 211 9.42 -16.04 -37.64
CA VAL A 211 8.32 -16.37 -38.55
C VAL A 211 7.06 -15.55 -38.18
N VAL A 212 6.66 -15.55 -36.89
CA VAL A 212 5.47 -14.81 -36.39
C VAL A 212 5.62 -13.30 -36.69
N THR A 213 6.84 -12.74 -36.55
CA THR A 213 7.15 -11.33 -36.81
C THR A 213 7.10 -11.02 -38.33
N LEU A 214 7.90 -11.74 -39.14
CA LEU A 214 8.05 -11.48 -40.57
C LEU A 214 6.82 -11.86 -41.41
N THR A 215 5.80 -12.52 -40.83
CA THR A 215 4.55 -12.81 -41.53
C THR A 215 3.50 -11.74 -41.18
N THR A 216 3.89 -10.78 -40.30
CA THR A 216 3.12 -9.66 -39.74
C THR A 216 1.98 -10.18 -38.82
N VAL A 217 2.07 -11.45 -38.36
CA VAL A 217 1.09 -12.06 -37.46
C VAL A 217 1.21 -11.35 -36.10
N GLY A 218 2.42 -11.38 -35.53
CA GLY A 218 2.77 -10.71 -34.27
C GLY A 218 1.83 -10.95 -33.11
N PHE A 219 1.89 -12.15 -32.52
CA PHE A 219 1.06 -12.53 -31.37
C PHE A 219 1.41 -11.69 -30.15
N GLY A 220 2.71 -11.48 -29.93
CA GLY A 220 3.19 -10.70 -28.80
C GLY A 220 3.63 -11.53 -27.61
N ASP A 221 3.58 -12.88 -27.73
CA ASP A 221 4.04 -13.80 -26.70
C ASP A 221 5.57 -13.66 -26.55
N PHE A 222 6.23 -13.42 -27.69
CA PHE A 222 7.67 -13.16 -27.80
C PHE A 222 7.85 -11.83 -28.51
N VAL A 223 8.45 -10.85 -27.82
CA VAL A 223 8.69 -9.52 -28.35
C VAL A 223 10.13 -9.11 -28.03
N ALA A 224 10.92 -8.77 -29.07
CA ALA A 224 12.30 -8.34 -28.89
C ALA A 224 12.33 -6.98 -28.18
N GLY A 225 13.15 -6.89 -27.15
CA GLY A 225 13.27 -5.71 -26.31
C GLY A 225 12.02 -5.45 -25.48
N GLY A 226 11.54 -6.49 -24.79
CA GLY A 226 10.35 -6.44 -23.94
C GLY A 226 10.58 -6.85 -22.49
N ASN A 227 11.72 -7.52 -22.22
CA ASN A 227 12.12 -7.98 -20.88
C ASN A 227 12.48 -6.82 -19.97
N ALA A 228 12.01 -6.88 -18.72
CA ALA A 228 12.31 -5.87 -17.71
C ALA A 228 13.74 -6.05 -17.17
N GLY A 229 14.13 -7.31 -16.96
CA GLY A 229 15.44 -7.68 -16.46
C GLY A 229 16.59 -7.41 -17.41
N ILE A 230 16.33 -7.48 -18.73
CA ILE A 230 17.33 -7.23 -19.77
C ILE A 230 17.41 -5.71 -20.01
N ASN A 231 18.62 -5.14 -19.82
CA ASN A 231 18.88 -3.71 -20.01
C ASN A 231 19.81 -3.52 -21.21
N TYR A 232 19.28 -3.79 -22.42
CA TYR A 232 20.02 -3.66 -23.68
C TYR A 232 20.13 -2.19 -24.08
N ARG A 233 21.24 -1.83 -24.73
CA ARG A 233 21.57 -0.46 -25.15
C ARG A 233 20.62 0.07 -26.23
N GLU A 234 20.72 1.39 -26.51
CA GLU A 234 19.93 2.15 -27.48
C GLU A 234 20.11 1.64 -28.94
N TRP A 235 21.12 0.79 -29.22
CA TRP A 235 21.38 0.27 -30.56
C TRP A 235 20.61 -1.03 -30.85
N TYR A 236 19.95 -1.63 -29.83
CA TYR A 236 19.22 -2.89 -30.00
C TYR A 236 17.82 -2.69 -30.63
N LYS A 237 16.90 -1.98 -29.94
CA LYS A 237 15.52 -1.73 -30.38
C LYS A 237 15.41 -1.21 -31.86
N PRO A 238 16.19 -0.20 -32.34
CA PRO A 238 16.04 0.24 -33.74
C PRO A 238 16.62 -0.74 -34.75
N LEU A 239 17.69 -1.49 -34.39
CA LEU A 239 18.32 -2.50 -35.25
C LEU A 239 17.36 -3.67 -35.50
N VAL A 240 16.49 -3.98 -34.51
CA VAL A 240 15.45 -5.01 -34.60
C VAL A 240 14.47 -4.58 -35.70
N TRP A 241 14.06 -3.29 -35.68
CA TRP A 241 13.15 -2.75 -36.69
C TRP A 241 13.82 -2.68 -38.06
N PHE A 242 15.16 -2.44 -38.10
CA PHE A 242 15.94 -2.41 -39.34
C PHE A 242 15.92 -3.81 -39.98
N TRP A 243 15.99 -4.86 -39.13
CA TRP A 243 15.93 -6.26 -39.55
C TRP A 243 14.51 -6.57 -40.04
N ILE A 244 13.48 -6.02 -39.34
CA ILE A 244 12.06 -6.17 -39.68
C ILE A 244 11.83 -5.57 -41.08
N LEU A 245 12.43 -4.39 -41.37
CA LEU A 245 12.31 -3.66 -42.62
C LEU A 245 12.78 -4.49 -43.83
N VAL A 246 13.98 -5.07 -43.77
CA VAL A 246 14.55 -5.87 -44.86
C VAL A 246 14.00 -7.31 -44.86
N GLY A 247 13.66 -7.84 -43.69
CA GLY A 247 13.11 -9.18 -43.51
C GLY A 247 11.70 -9.36 -44.03
N LEU A 248 10.86 -8.30 -43.89
CA LEU A 248 9.48 -8.32 -44.36
C LEU A 248 9.42 -8.37 -45.88
N ALA A 249 10.37 -7.68 -46.55
CA ALA A 249 10.49 -7.66 -48.01
C ALA A 249 10.88 -9.05 -48.53
N TYR A 250 11.77 -9.76 -47.78
CA TYR A 250 12.20 -11.11 -48.13
C TYR A 250 11.04 -12.10 -47.97
N PHE A 251 10.35 -12.04 -46.81
CA PHE A 251 9.21 -12.91 -46.49
C PHE A 251 8.04 -12.66 -47.43
N ALA A 252 7.83 -11.41 -47.87
CA ALA A 252 6.77 -11.03 -48.81
C ALA A 252 6.98 -11.74 -50.14
N ALA A 253 8.25 -11.82 -50.60
CA ALA A 253 8.66 -12.49 -51.82
C ALA A 253 8.48 -14.01 -51.69
N VAL A 254 8.86 -14.58 -50.52
CA VAL A 254 8.76 -16.01 -50.20
C VAL A 254 7.27 -16.43 -50.19
N LEU A 255 6.41 -15.66 -49.50
CA LEU A 255 4.97 -15.92 -49.43
C LEU A 255 4.30 -15.71 -50.80
N SER A 256 4.90 -14.86 -51.66
CA SER A 256 4.41 -14.62 -53.02
C SER A 256 4.71 -15.83 -53.90
N MET A 257 5.91 -16.45 -53.69
CA MET A 257 6.37 -17.64 -54.42
C MET A 257 5.55 -18.87 -54.03
N ILE A 258 5.14 -18.97 -52.73
CA ILE A 258 4.29 -20.06 -52.21
C ILE A 258 2.89 -19.90 -52.82
N GLY A 259 2.46 -18.65 -52.98
CA GLY A 259 1.20 -18.28 -53.59
C GLY A 259 1.21 -18.63 -55.08
N ASP A 260 2.35 -18.36 -55.75
CA ASP A 260 2.61 -18.66 -57.16
C ASP A 260 2.58 -20.17 -57.38
N TRP A 261 3.23 -20.93 -56.48
CA TRP A 261 3.30 -22.40 -56.49
C TRP A 261 1.91 -23.02 -56.31
N LEU A 262 1.06 -22.42 -55.45
CA LEU A 262 -0.30 -22.86 -55.20
C LEU A 262 -1.20 -22.62 -56.42
N ARG A 263 -0.96 -21.49 -57.14
CA ARG A 263 -1.69 -21.09 -58.35
C ARG A 263 -1.42 -22.08 -59.50
N VAL A 264 -0.20 -22.67 -59.53
CA VAL A 264 0.24 -23.68 -60.50
C VAL A 264 -0.52 -24.99 -60.23
N LEU A 265 -0.67 -25.35 -58.94
CA LEU A 265 -1.39 -26.52 -58.47
C LEU A 265 -2.91 -26.37 -58.70
N SER A 266 -3.41 -25.11 -58.73
CA SER A 266 -4.82 -24.79 -58.96
C SER A 266 -5.20 -25.06 -60.41
N LYS B 8 14.40 2.72 -58.14
CA LYS B 8 15.59 3.57 -57.99
C LYS B 8 15.95 3.73 -56.51
N TRP B 9 17.25 3.60 -56.18
CA TRP B 9 17.78 3.72 -54.81
C TRP B 9 17.62 5.13 -54.26
N LYS B 10 17.76 6.17 -55.13
CA LYS B 10 17.62 7.59 -54.77
C LYS B 10 16.25 7.87 -54.14
N THR B 11 15.18 7.31 -54.72
CA THR B 11 13.80 7.46 -54.24
C THR B 11 13.54 6.59 -52.99
N VAL B 12 14.23 5.43 -52.88
CA VAL B 12 14.12 4.49 -51.75
C VAL B 12 14.62 5.18 -50.46
N VAL B 13 15.74 5.91 -50.55
CA VAL B 13 16.34 6.66 -49.43
C VAL B 13 15.38 7.79 -49.01
N ALA B 14 14.74 8.47 -49.99
CA ALA B 14 13.76 9.54 -49.75
C ALA B 14 12.57 9.05 -48.91
N ILE B 15 11.93 7.93 -49.33
CA ILE B 15 10.80 7.31 -48.62
C ILE B 15 11.24 6.87 -47.21
N PHE B 16 12.47 6.31 -47.09
CA PHE B 16 13.05 5.86 -45.83
C PHE B 16 13.14 7.02 -44.82
N VAL B 17 13.64 8.19 -45.26
CA VAL B 17 13.79 9.41 -44.45
C VAL B 17 12.41 9.88 -43.98
N VAL B 18 11.39 9.85 -44.87
CA VAL B 18 10.00 10.23 -44.57
C VAL B 18 9.44 9.28 -43.49
N VAL B 19 9.59 7.95 -43.69
CA VAL B 19 9.11 6.91 -42.75
C VAL B 19 9.82 7.06 -41.38
N VAL B 20 11.17 7.23 -41.36
CA VAL B 20 11.97 7.39 -40.13
C VAL B 20 11.47 8.63 -39.36
N VAL B 21 11.22 9.76 -40.07
CA VAL B 21 10.70 11.00 -39.46
C VAL B 21 9.28 10.71 -38.92
N TYR B 22 8.42 10.04 -39.73
CA TYR B 22 7.06 9.67 -39.38
C TYR B 22 7.02 8.78 -38.13
N LEU B 23 8.04 7.92 -37.93
CA LEU B 23 8.11 7.05 -36.76
C LEU B 23 8.55 7.85 -35.52
N VAL B 24 9.57 8.73 -35.66
CA VAL B 24 10.08 9.60 -34.59
C VAL B 24 8.92 10.49 -34.11
N THR B 25 8.18 11.11 -35.06
CA THR B 25 7.00 11.96 -34.81
C THR B 25 5.93 11.15 -34.07
N GLY B 26 5.57 9.97 -34.62
CA GLY B 26 4.58 9.07 -34.04
C GLY B 26 4.90 8.65 -32.62
N GLY B 27 6.16 8.29 -32.38
CA GLY B 27 6.67 7.88 -31.08
C GLY B 27 6.58 8.98 -30.03
N LEU B 28 6.80 10.24 -30.44
CA LEU B 28 6.71 11.38 -29.54
C LEU B 28 5.25 11.67 -29.18
N VAL B 29 4.32 11.54 -30.14
CA VAL B 29 2.88 11.76 -29.91
C VAL B 29 2.34 10.65 -29.00
N PHE B 30 2.76 9.39 -29.24
CA PHE B 30 2.34 8.23 -28.46
C PHE B 30 2.80 8.34 -27.01
N ARG B 31 4.08 8.73 -26.76
CA ARG B 31 4.58 8.88 -25.37
C ARG B 31 3.92 10.08 -24.67
N ALA B 32 3.56 11.13 -25.42
CA ALA B 32 2.87 12.31 -24.87
C ALA B 32 1.48 11.92 -24.35
N LEU B 33 0.83 10.98 -25.06
CA LEU B 33 -0.50 10.46 -24.73
C LEU B 33 -0.46 9.26 -23.77
N GLU B 34 0.62 8.46 -23.77
CA GLU B 34 0.69 7.22 -23.00
C GLU B 34 1.62 7.18 -21.77
N GLN B 35 2.83 7.81 -21.82
CA GLN B 35 3.80 7.79 -20.70
C GLN B 35 3.19 8.28 -19.36
N PRO B 36 2.33 9.35 -19.28
CA PRO B 36 1.76 9.72 -17.98
C PRO B 36 0.89 8.61 -17.36
N PHE B 37 0.12 7.86 -18.19
CA PHE B 37 -0.71 6.75 -17.75
C PHE B 37 0.16 5.56 -17.33
N GLU B 38 1.27 5.31 -18.04
CA GLU B 38 2.21 4.23 -17.76
C GLU B 38 2.84 4.44 -16.38
N SER B 39 3.28 5.68 -16.10
CA SER B 39 3.87 6.10 -14.84
C SER B 39 2.85 5.97 -13.73
N SER B 40 1.57 6.27 -14.04
CA SER B 40 0.45 6.17 -13.12
C SER B 40 0.24 4.70 -12.69
N GLN B 41 0.26 3.75 -13.64
CA GLN B 41 0.08 2.33 -13.37
C GLN B 41 1.32 1.71 -12.71
N LYS B 42 2.51 2.30 -12.96
CA LYS B 42 3.78 1.87 -12.37
C LYS B 42 3.79 2.14 -10.87
N ASN B 43 3.16 3.26 -10.45
CA ASN B 43 3.05 3.70 -9.07
C ASN B 43 1.93 2.95 -8.35
N THR B 44 0.82 2.66 -9.06
CA THR B 44 -0.35 1.97 -8.49
C THR B 44 -0.01 0.53 -8.09
N ILE B 45 0.75 -0.21 -8.94
CA ILE B 45 1.13 -1.58 -8.62
C ILE B 45 2.22 -1.60 -7.54
N ALA B 46 3.06 -0.57 -7.48
CA ALA B 46 4.10 -0.42 -6.47
C ALA B 46 3.46 -0.28 -5.10
N LEU B 47 2.38 0.52 -5.01
CA LEU B 47 1.58 0.79 -3.82
C LEU B 47 0.78 -0.44 -3.39
N GLU B 48 0.14 -1.13 -4.36
CA GLU B 48 -0.71 -2.29 -4.10
C GLU B 48 0.07 -3.50 -3.63
N LYS B 49 1.30 -3.69 -4.13
CA LYS B 49 2.18 -4.78 -3.72
C LYS B 49 2.72 -4.49 -2.30
N ALA B 50 3.12 -3.23 -2.05
CA ALA B 50 3.64 -2.75 -0.78
C ALA B 50 2.60 -2.81 0.33
N GLU B 51 1.31 -2.57 0.00
CA GLU B 51 0.23 -2.60 0.99
C GLU B 51 -0.16 -4.05 1.32
N PHE B 52 0.03 -5.00 0.37
CA PHE B 52 -0.26 -6.42 0.59
C PHE B 52 0.74 -6.99 1.59
N LEU B 53 2.02 -6.59 1.47
CA LEU B 53 3.09 -7.05 2.36
C LEU B 53 2.98 -6.41 3.75
N ARG B 54 2.32 -5.24 3.86
CA ARG B 54 2.05 -4.54 5.12
C ARG B 54 0.91 -5.23 5.87
N ASP B 55 -0.22 -5.41 5.16
CA ASP B 55 -1.45 -6.02 5.67
C ASP B 55 -1.28 -7.50 5.94
N HIS B 56 -0.43 -8.18 5.15
CA HIS B 56 -0.18 -9.61 5.34
C HIS B 56 1.31 -9.85 5.66
N VAL B 57 1.63 -9.85 6.97
CA VAL B 57 2.99 -10.03 7.50
C VAL B 57 3.47 -11.47 7.34
N CYS B 58 2.54 -12.45 7.33
CA CYS B 58 2.84 -13.88 7.17
C CYS B 58 3.35 -14.20 5.73
N VAL B 59 3.25 -13.21 4.79
CA VAL B 59 3.71 -13.30 3.41
C VAL B 59 5.01 -12.49 3.25
N SER B 60 6.06 -13.14 2.72
CA SER B 60 7.38 -12.53 2.48
C SER B 60 7.40 -11.84 1.10
N PRO B 61 8.32 -10.87 0.83
CA PRO B 61 8.34 -10.24 -0.50
C PRO B 61 8.67 -11.21 -1.63
N GLN B 62 9.39 -12.31 -1.31
CA GLN B 62 9.78 -13.34 -2.25
C GLN B 62 8.59 -14.26 -2.58
N GLU B 63 7.80 -14.66 -1.56
CA GLU B 63 6.62 -15.51 -1.71
C GLU B 63 5.53 -14.80 -2.52
N LEU B 64 5.48 -13.45 -2.41
CA LEU B 64 4.55 -12.60 -3.15
C LEU B 64 4.88 -12.68 -4.64
N GLU B 65 6.16 -12.42 -5.03
CA GLU B 65 6.65 -12.44 -6.41
C GLU B 65 6.43 -13.80 -7.07
N THR B 66 6.55 -14.88 -6.29
CA THR B 66 6.35 -16.24 -6.78
C THR B 66 4.87 -16.41 -7.17
N LEU B 67 3.93 -15.92 -6.33
CA LEU B 67 2.49 -16.00 -6.61
C LEU B 67 2.13 -15.21 -7.86
N ILE B 68 2.58 -13.93 -7.95
CA ILE B 68 2.33 -13.04 -9.10
C ILE B 68 2.81 -13.73 -10.38
N GLN B 69 4.03 -14.33 -10.35
CA GLN B 69 4.64 -15.06 -11.46
C GLN B 69 3.76 -16.24 -11.87
N HIS B 70 3.23 -17.01 -10.88
CA HIS B 70 2.34 -18.14 -11.13
C HIS B 70 1.03 -17.68 -11.78
N ALA B 71 0.53 -16.49 -11.37
CA ALA B 71 -0.69 -15.89 -11.92
C ALA B 71 -0.46 -15.42 -13.36
N LEU B 72 0.72 -14.79 -13.64
CA LEU B 72 1.09 -14.30 -14.97
C LEU B 72 1.30 -15.46 -15.93
N ASP B 73 1.99 -16.54 -15.49
CA ASP B 73 2.25 -17.75 -16.27
C ASP B 73 0.94 -18.38 -16.74
N ALA B 74 -0.09 -18.36 -15.85
CA ALA B 74 -1.42 -18.88 -16.12
C ALA B 74 -2.13 -18.03 -17.15
N ASP B 75 -2.06 -16.69 -17.00
CA ASP B 75 -2.68 -15.71 -17.89
C ASP B 75 -2.04 -15.75 -19.28
N ASN B 76 -0.71 -15.97 -19.36
CA ASN B 76 0.03 -16.09 -20.62
C ASN B 76 -0.44 -17.33 -21.38
N ALA B 77 -0.76 -18.42 -20.65
CA ALA B 77 -1.26 -19.67 -21.19
C ALA B 77 -2.76 -19.59 -21.59
N GLY B 78 -3.38 -18.45 -21.33
CA GLY B 78 -4.80 -18.19 -21.64
C GLY B 78 -5.77 -18.74 -20.62
N VAL B 79 -5.35 -18.75 -19.34
CA VAL B 79 -6.12 -19.23 -18.18
C VAL B 79 -6.18 -18.10 -17.15
N SER B 80 -7.38 -17.61 -16.84
CA SER B 80 -7.53 -16.52 -15.88
C SER B 80 -7.18 -16.99 -14.46
N PRO B 81 -6.23 -16.31 -13.77
CA PRO B 81 -5.90 -16.74 -12.40
C PRO B 81 -6.92 -16.20 -11.37
N ILE B 82 -8.14 -15.88 -11.84
CA ILE B 82 -9.25 -15.38 -11.05
C ILE B 82 -10.31 -16.51 -10.94
N GLY B 83 -10.80 -16.75 -9.72
CA GLY B 83 -11.79 -17.77 -9.44
C GLY B 83 -11.21 -19.16 -9.35
N SER B 90 -13.17 -22.95 -22.50
CA SER B 90 -11.94 -23.30 -23.22
C SER B 90 -11.67 -22.34 -24.39
N HIS B 91 -10.39 -22.23 -24.76
CA HIS B 91 -9.89 -21.39 -25.87
C HIS B 91 -9.51 -22.25 -27.07
N TRP B 92 -9.50 -23.59 -26.90
CA TRP B 92 -9.12 -24.52 -27.95
C TRP B 92 -10.29 -25.45 -28.35
N ASP B 93 -11.54 -25.07 -28.05
CA ASP B 93 -12.70 -25.85 -28.46
C ASP B 93 -12.89 -25.71 -29.98
N LEU B 94 -13.53 -26.71 -30.64
CA LEU B 94 -13.77 -26.78 -32.09
C LEU B 94 -14.00 -25.41 -32.75
N GLY B 95 -14.81 -24.55 -32.12
CA GLY B 95 -15.13 -23.22 -32.60
C GLY B 95 -14.09 -22.16 -32.32
N SER B 96 -13.56 -22.12 -31.09
CA SER B 96 -12.55 -21.16 -30.64
C SER B 96 -11.20 -21.39 -31.34
N ALA B 97 -10.87 -22.66 -31.63
CA ALA B 97 -9.64 -23.07 -32.31
C ALA B 97 -9.71 -22.70 -33.78
N PHE B 98 -10.92 -22.78 -34.38
CA PHE B 98 -11.20 -22.43 -35.78
C PHE B 98 -10.93 -20.93 -35.99
N PHE B 99 -11.40 -20.10 -35.04
CA PHE B 99 -11.20 -18.65 -35.07
C PHE B 99 -9.72 -18.32 -34.85
N PHE B 100 -9.00 -19.11 -34.00
CA PHE B 100 -7.57 -18.91 -33.78
C PHE B 100 -6.81 -19.11 -35.09
N ALA B 101 -7.12 -20.21 -35.80
CA ALA B 101 -6.54 -20.56 -37.10
C ALA B 101 -6.73 -19.40 -38.08
N GLY B 102 -7.96 -18.85 -38.11
CA GLY B 102 -8.36 -17.72 -38.95
C GLY B 102 -7.55 -16.47 -38.68
N THR B 103 -7.22 -16.22 -37.40
CA THR B 103 -6.43 -15.09 -36.92
C THR B 103 -4.99 -15.15 -37.48
N VAL B 104 -4.42 -16.37 -37.61
CA VAL B 104 -3.07 -16.61 -38.13
C VAL B 104 -3.05 -16.36 -39.66
N ILE B 105 -4.03 -16.94 -40.38
CA ILE B 105 -4.21 -16.92 -41.84
C ILE B 105 -4.46 -15.48 -42.36
N THR B 106 -5.23 -14.67 -41.60
CA THR B 106 -5.54 -13.27 -41.95
C THR B 106 -4.39 -12.31 -41.58
N THR B 107 -3.35 -12.81 -40.87
CA THR B 107 -2.16 -12.11 -40.35
C THR B 107 -2.54 -11.08 -39.26
N ILE B 108 -3.76 -11.17 -38.69
CA ILE B 108 -4.22 -10.27 -37.63
C ILE B 108 -3.37 -10.55 -36.36
N GLY B 109 -3.30 -11.81 -35.96
CA GLY B 109 -2.52 -12.28 -34.82
C GLY B 109 -2.76 -11.51 -33.54
N TYR B 110 -3.99 -11.61 -32.99
CA TYR B 110 -4.43 -10.96 -31.75
C TYR B 110 -3.49 -11.29 -30.60
N GLY B 111 -3.08 -12.54 -30.48
CA GLY B 111 -2.16 -12.97 -29.44
C GLY B 111 -2.73 -13.07 -28.04
N ASN B 112 -4.08 -12.91 -27.89
CA ASN B 112 -4.80 -13.11 -26.62
C ASN B 112 -4.60 -14.59 -26.24
N ILE B 113 -4.55 -15.45 -27.28
CA ILE B 113 -4.17 -16.86 -27.23
C ILE B 113 -3.13 -17.08 -28.32
N ALA B 114 -2.14 -17.93 -28.02
CA ALA B 114 -1.01 -18.30 -28.90
C ALA B 114 -0.49 -19.70 -28.51
N PRO B 115 0.14 -20.47 -29.44
CA PRO B 115 0.61 -21.82 -29.05
C PRO B 115 1.71 -21.82 -27.99
N SER B 116 1.50 -22.60 -26.92
CA SER B 116 2.43 -22.75 -25.78
C SER B 116 3.32 -23.99 -25.96
N THR B 117 2.78 -25.04 -26.60
CA THR B 117 3.47 -26.30 -26.86
C THR B 117 4.53 -26.10 -27.95
N GLU B 118 5.67 -26.79 -27.83
CA GLU B 118 6.78 -26.78 -28.79
C GLU B 118 6.27 -27.23 -30.17
N GLY B 119 5.47 -28.29 -30.18
CA GLY B 119 4.83 -28.84 -31.38
C GLY B 119 3.76 -27.92 -31.93
N GLY B 120 3.09 -27.20 -31.03
CA GLY B 120 2.06 -26.22 -31.37
C GLY B 120 2.68 -25.01 -32.06
N LYS B 121 3.90 -24.62 -31.64
CA LYS B 121 4.67 -23.52 -32.23
C LYS B 121 5.22 -23.96 -33.60
N ILE B 122 5.66 -25.23 -33.72
CA ILE B 122 6.17 -25.81 -34.97
C ILE B 122 5.05 -25.83 -36.02
N PHE B 123 3.86 -26.36 -35.64
CA PHE B 123 2.71 -26.44 -36.54
C PHE B 123 2.26 -25.06 -36.97
N CYS B 124 2.29 -24.07 -36.03
CA CYS B 124 1.92 -22.69 -36.27
C CYS B 124 2.80 -22.02 -37.34
N ILE B 125 4.11 -22.39 -37.40
CA ILE B 125 5.08 -21.87 -38.37
C ILE B 125 4.68 -22.36 -39.77
N LEU B 126 4.52 -23.69 -39.94
CA LEU B 126 4.13 -24.31 -41.21
C LEU B 126 2.74 -23.86 -41.66
N TYR B 127 1.78 -23.78 -40.70
CA TYR B 127 0.39 -23.38 -40.95
C TYR B 127 0.30 -21.96 -41.52
N ALA B 128 1.07 -21.01 -40.97
CA ALA B 128 1.11 -19.62 -41.43
C ALA B 128 1.75 -19.50 -42.83
N ILE B 129 2.94 -20.12 -43.02
CA ILE B 129 3.75 -20.11 -44.24
C ILE B 129 2.90 -20.50 -45.48
N PHE B 130 2.07 -21.55 -45.38
CA PHE B 130 1.24 -22.02 -46.49
C PHE B 130 -0.20 -21.47 -46.46
N GLY B 131 -0.67 -21.11 -45.26
CA GLY B 131 -2.02 -20.60 -45.05
C GLY B 131 -2.28 -19.15 -45.45
N ILE B 132 -1.31 -18.25 -45.17
CA ILE B 132 -1.39 -16.82 -45.52
C ILE B 132 -1.52 -16.67 -47.07
N PRO B 133 -0.71 -17.35 -47.93
CA PRO B 133 -0.91 -17.21 -49.39
C PRO B 133 -2.27 -17.74 -49.84
N LEU B 134 -2.75 -18.85 -49.22
CA LEU B 134 -4.06 -19.48 -49.50
C LEU B 134 -5.20 -18.47 -49.26
N PHE B 135 -5.12 -17.68 -48.17
CA PHE B 135 -6.11 -16.64 -47.85
C PHE B 135 -6.05 -15.51 -48.86
N GLY B 136 -4.83 -15.20 -49.33
CA GLY B 136 -4.56 -14.16 -50.33
C GLY B 136 -5.44 -14.27 -51.55
N PHE B 137 -5.69 -15.52 -52.01
CA PHE B 137 -6.56 -15.82 -53.14
C PHE B 137 -8.02 -15.52 -52.80
N LEU B 138 -8.48 -15.93 -51.60
CA LEU B 138 -9.85 -15.68 -51.15
C LEU B 138 -10.10 -14.18 -50.97
N LEU B 139 -9.11 -13.44 -50.43
CA LEU B 139 -9.18 -11.99 -50.23
C LEU B 139 -9.20 -11.24 -51.57
N ALA B 140 -8.44 -11.74 -52.57
CA ALA B 140 -8.41 -11.17 -53.91
C ALA B 140 -9.74 -11.42 -54.62
N GLY B 141 -10.33 -12.59 -54.36
CA GLY B 141 -11.61 -13.02 -54.90
C GLY B 141 -12.78 -12.21 -54.39
N ILE B 142 -12.80 -11.93 -53.06
CA ILE B 142 -13.82 -11.10 -52.41
C ILE B 142 -13.63 -9.64 -52.89
N GLY B 143 -12.36 -9.24 -53.04
CA GLY B 143 -11.95 -7.92 -53.52
C GLY B 143 -12.41 -7.62 -54.93
N ASP B 144 -12.41 -8.64 -55.81
CA ASP B 144 -12.89 -8.52 -57.19
C ASP B 144 -14.41 -8.47 -57.22
N GLN B 145 -15.07 -9.28 -56.36
CA GLN B 145 -16.54 -9.36 -56.25
C GLN B 145 -17.12 -8.07 -55.72
N LEU B 146 -16.49 -7.47 -54.68
CA LEU B 146 -16.93 -6.21 -54.09
C LEU B 146 -16.74 -5.06 -55.09
N GLY B 147 -15.65 -5.13 -55.86
CA GLY B 147 -15.32 -4.17 -56.90
C GLY B 147 -16.29 -4.20 -58.07
N THR B 148 -17.08 -5.28 -58.17
CA THR B 148 -18.12 -5.48 -59.19
C THR B 148 -19.46 -4.98 -58.63
N ILE B 149 -19.74 -5.24 -57.33
CA ILE B 149 -20.96 -4.81 -56.63
C ILE B 149 -20.96 -3.28 -56.51
N PHE B 150 -19.87 -2.70 -55.95
CA PHE B 150 -19.72 -1.26 -55.78
C PHE B 150 -19.46 -0.57 -57.12
N GLY B 151 -18.73 -1.23 -58.02
CA GLY B 151 -18.40 -0.73 -59.35
C GLY B 151 -19.60 -0.47 -60.24
N LYS B 152 -20.62 -1.34 -60.16
CA LYS B 152 -21.87 -1.23 -60.91
C LYS B 152 -22.75 -0.12 -60.30
N SER B 153 -22.73 0.02 -58.96
CA SER B 153 -23.49 1.01 -58.22
C SER B 153 -22.92 2.42 -58.40
N ILE B 154 -21.57 2.56 -58.47
CA ILE B 154 -20.87 3.83 -58.65
C ILE B 154 -21.06 4.35 -60.08
N ALA B 155 -21.06 3.45 -61.08
CA ALA B 155 -21.24 3.76 -62.50
C ALA B 155 -22.61 4.38 -62.78
N ARG B 156 -23.64 3.99 -62.01
CA ARG B 156 -25.01 4.51 -62.10
C ARG B 156 -25.04 5.99 -61.69
N VAL B 157 -24.22 6.35 -60.68
CA VAL B 157 -24.07 7.71 -60.15
C VAL B 157 -23.16 8.52 -61.09
N GLU B 158 -22.08 7.89 -61.61
CA GLU B 158 -21.09 8.49 -62.51
C GLU B 158 -21.73 8.97 -63.82
N LYS B 159 -22.73 8.21 -64.33
CA LYS B 159 -23.46 8.51 -65.56
C LYS B 159 -24.36 9.75 -65.40
N VAL B 160 -24.89 9.96 -64.17
CA VAL B 160 -25.77 11.08 -63.82
C VAL B 160 -25.01 12.41 -63.88
N PHE B 161 -23.80 12.47 -63.29
CA PHE B 161 -22.97 13.68 -63.27
C PHE B 161 -22.37 14.00 -64.63
N ARG B 162 -22.15 12.97 -65.49
CA ARG B 162 -21.61 13.12 -66.85
C ARG B 162 -22.57 13.96 -67.72
N LYS B 163 -23.89 13.77 -67.51
CA LYS B 163 -24.96 14.49 -68.20
C LYS B 163 -25.05 15.93 -67.68
N LYS B 164 -24.70 16.14 -66.39
CA LYS B 164 -24.71 17.44 -65.71
C LYS B 164 -23.47 18.31 -66.06
N GLN B 165 -22.67 17.88 -67.07
CA GLN B 165 -21.46 18.52 -67.60
C GLN B 165 -20.38 18.75 -66.52
N VAL B 166 -20.35 17.88 -65.49
CA VAL B 166 -19.39 17.90 -64.39
C VAL B 166 -18.03 17.38 -64.92
N SER B 167 -16.91 17.96 -64.47
CA SER B 167 -15.55 17.60 -64.87
C SER B 167 -15.21 16.15 -64.48
N GLN B 168 -14.33 15.49 -65.27
CA GLN B 168 -13.87 14.11 -65.04
C GLN B 168 -13.09 14.00 -63.72
N THR B 169 -12.59 15.15 -63.21
CA THR B 169 -11.85 15.28 -61.96
C THR B 169 -12.81 15.09 -60.79
N LYS B 170 -13.81 15.99 -60.65
CA LYS B 170 -14.83 16.02 -59.60
C LYS B 170 -15.62 14.72 -59.52
N ILE B 171 -16.01 14.13 -60.67
CA ILE B 171 -16.77 12.87 -60.74
C ILE B 171 -16.01 11.75 -60.02
N ARG B 172 -14.69 11.63 -60.30
CA ARG B 172 -13.80 10.63 -59.70
C ARG B 172 -13.62 10.89 -58.19
N VAL B 173 -13.62 12.17 -57.77
CA VAL B 173 -13.50 12.60 -56.38
C VAL B 173 -14.79 12.23 -55.62
N ILE B 174 -15.96 12.56 -56.21
CA ILE B 174 -17.31 12.30 -55.67
C ILE B 174 -17.50 10.79 -55.49
N SER B 175 -17.01 9.98 -56.46
CA SER B 175 -17.08 8.52 -56.47
C SER B 175 -16.22 7.90 -55.37
N THR B 176 -15.00 8.43 -55.15
CA THR B 176 -14.06 7.96 -54.13
C THR B 176 -14.66 8.22 -52.74
N ILE B 177 -15.26 9.41 -52.53
CA ILE B 177 -15.89 9.75 -51.24
C ILE B 177 -17.18 8.92 -51.07
N LEU B 178 -17.91 8.64 -52.17
CA LEU B 178 -19.13 7.83 -52.16
C LEU B 178 -18.83 6.38 -51.73
N PHE B 179 -17.75 5.77 -52.27
CA PHE B 179 -17.36 4.40 -51.94
C PHE B 179 -16.87 4.28 -50.50
N ILE B 180 -16.01 5.22 -50.05
CA ILE B 180 -15.43 5.24 -48.70
C ILE B 180 -16.56 5.41 -47.67
N LEU B 181 -17.45 6.39 -47.87
CA LEU B 181 -18.59 6.69 -46.99
C LEU B 181 -19.59 5.52 -46.93
N ALA B 182 -19.90 4.87 -48.07
CA ALA B 182 -20.83 3.74 -48.13
C ALA B 182 -20.29 2.51 -47.39
N GLY B 183 -19.06 2.10 -47.72
CA GLY B 183 -18.38 0.97 -47.11
C GLY B 183 -18.06 1.19 -45.64
N CYS B 184 -17.80 2.45 -45.25
CA CYS B 184 -17.50 2.83 -43.86
C CYS B 184 -18.72 2.60 -42.97
N ILE B 185 -19.94 2.70 -43.54
CA ILE B 185 -21.19 2.49 -42.82
C ILE B 185 -21.39 0.97 -42.61
N VAL B 186 -21.28 0.18 -43.70
CA VAL B 186 -21.50 -1.27 -43.75
C VAL B 186 -20.40 -2.07 -42.99
N PHE B 187 -19.11 -1.75 -43.18
CA PHE B 187 -17.99 -2.51 -42.60
C PHE B 187 -17.40 -1.93 -41.31
N VAL B 188 -17.56 -0.62 -41.04
CA VAL B 188 -16.96 -0.02 -39.83
C VAL B 188 -18.05 0.39 -38.82
N THR B 189 -18.96 1.30 -39.20
CA THR B 189 -20.01 1.87 -38.35
C THR B 189 -21.01 0.82 -37.82
N ILE B 190 -21.76 0.12 -38.70
CA ILE B 190 -22.76 -0.90 -38.32
C ILE B 190 -22.10 -1.99 -37.41
N PRO B 191 -20.95 -2.64 -37.75
CA PRO B 191 -20.38 -3.65 -36.84
C PRO B 191 -19.94 -3.09 -35.48
N ALA B 192 -19.42 -1.83 -35.44
CA ALA B 192 -18.99 -1.16 -34.20
C ALA B 192 -20.17 -0.93 -33.26
N VAL B 193 -21.37 -0.67 -33.82
CA VAL B 193 -22.63 -0.48 -33.07
C VAL B 193 -23.01 -1.83 -32.41
N ILE B 194 -22.84 -2.95 -33.16
CA ILE B 194 -23.12 -4.31 -32.70
C ILE B 194 -22.12 -4.70 -31.59
N PHE B 195 -20.81 -4.43 -31.78
CA PHE B 195 -19.76 -4.74 -30.80
C PHE B 195 -19.93 -3.92 -29.51
N LYS B 196 -20.45 -2.67 -29.62
CA LYS B 196 -20.70 -1.79 -28.47
C LYS B 196 -21.81 -2.38 -27.58
N TYR B 197 -22.79 -3.07 -28.20
CA TYR B 197 -23.94 -3.67 -27.54
C TYR B 197 -23.65 -5.12 -27.06
N ILE B 198 -23.02 -5.96 -27.90
CA ILE B 198 -22.74 -7.35 -27.57
C ILE B 198 -21.56 -7.46 -26.58
N GLU B 199 -20.36 -6.97 -26.97
CA GLU B 199 -19.15 -7.04 -26.15
C GLU B 199 -19.13 -6.01 -25.00
N GLY B 200 -19.97 -4.98 -25.10
CA GLY B 200 -20.09 -3.94 -24.09
C GLY B 200 -18.93 -2.96 -23.99
N TRP B 201 -18.35 -2.57 -25.15
CA TRP B 201 -17.23 -1.61 -25.22
C TRP B 201 -17.75 -0.19 -25.41
N THR B 202 -16.86 0.81 -25.31
CA THR B 202 -17.25 2.21 -25.54
C THR B 202 -17.32 2.44 -27.06
N ALA B 203 -17.91 3.58 -27.50
CA ALA B 203 -18.01 3.93 -28.92
C ALA B 203 -16.63 4.00 -29.56
N LEU B 204 -15.64 4.58 -28.85
CA LEU B 204 -14.25 4.71 -29.26
C LEU B 204 -13.59 3.35 -29.39
N GLU B 205 -13.66 2.53 -28.33
CA GLU B 205 -13.08 1.19 -28.23
C GLU B 205 -13.61 0.24 -29.30
N SER B 206 -14.87 0.44 -29.73
CA SER B 206 -15.47 -0.38 -30.79
C SER B 206 -14.84 -0.03 -32.14
N ILE B 207 -14.79 1.27 -32.50
CA ILE B 207 -14.18 1.79 -33.73
C ILE B 207 -12.69 1.42 -33.75
N TYR B 208 -11.99 1.60 -32.60
CA TYR B 208 -10.59 1.26 -32.40
C TYR B 208 -10.36 -0.22 -32.71
N PHE B 209 -11.23 -1.12 -32.19
CA PHE B 209 -11.14 -2.57 -32.43
C PHE B 209 -11.27 -2.87 -33.94
N VAL B 210 -12.26 -2.26 -34.60
CA VAL B 210 -12.56 -2.43 -36.02
C VAL B 210 -11.31 -2.06 -36.87
N VAL B 211 -10.75 -0.86 -36.66
CA VAL B 211 -9.58 -0.34 -37.38
C VAL B 211 -8.36 -1.27 -37.12
N VAL B 212 -8.05 -1.57 -35.84
CA VAL B 212 -6.93 -2.44 -35.43
C VAL B 212 -7.06 -3.84 -36.08
N THR B 213 -8.31 -4.39 -36.15
CA THR B 213 -8.59 -5.69 -36.76
C THR B 213 -8.43 -5.66 -38.29
N LEU B 214 -9.16 -4.75 -38.97
CA LEU B 214 -9.21 -4.67 -40.43
C LEU B 214 -7.91 -4.14 -41.07
N THR B 215 -6.95 -3.66 -40.28
CA THR B 215 -5.64 -3.26 -40.81
C THR B 215 -4.63 -4.41 -40.64
N THR B 216 -5.09 -5.53 -40.02
CA THR B 216 -4.37 -6.77 -39.68
C THR B 216 -3.30 -6.48 -38.60
N VAL B 217 -3.41 -5.35 -37.88
CA VAL B 217 -2.48 -4.98 -36.79
C VAL B 217 -2.72 -5.99 -35.63
N GLY B 218 -3.97 -6.06 -35.16
CA GLY B 218 -4.42 -6.98 -34.13
C GLY B 218 -3.57 -7.04 -32.87
N PHE B 219 -3.65 -5.99 -32.03
CA PHE B 219 -2.92 -5.90 -30.76
C PHE B 219 -3.37 -6.99 -29.79
N GLY B 220 -4.67 -7.22 -29.71
CA GLY B 220 -5.26 -8.23 -28.84
C GLY B 220 -5.80 -7.68 -27.54
N ASP B 221 -5.72 -6.33 -27.35
CA ASP B 221 -6.26 -5.64 -26.17
C ASP B 221 -7.78 -5.76 -26.17
N PHE B 222 -8.36 -5.71 -27.37
CA PHE B 222 -9.77 -5.91 -27.64
C PHE B 222 -9.94 -7.03 -28.65
N VAL B 223 -10.69 -8.07 -28.29
CA VAL B 223 -10.96 -9.25 -29.13
C VAL B 223 -12.45 -9.59 -28.99
N ALA B 224 -13.17 -9.69 -30.13
CA ALA B 224 -14.59 -10.03 -30.15
C ALA B 224 -14.79 -11.47 -29.70
N GLY B 225 -15.68 -11.67 -28.73
CA GLY B 225 -15.96 -12.97 -28.14
C GLY B 225 -14.82 -13.51 -27.31
N GLY B 226 -14.37 -12.70 -26.34
CA GLY B 226 -13.28 -13.03 -25.44
C GLY B 226 -13.62 -12.96 -23.96
N ASN B 227 -14.75 -12.30 -23.63
CA ASN B 227 -15.24 -12.13 -22.26
C ASN B 227 -15.73 -13.44 -21.66
N ALA B 228 -15.37 -13.69 -20.39
CA ALA B 228 -15.79 -14.89 -19.67
C ALA B 228 -17.24 -14.72 -19.19
N GLY B 229 -17.58 -13.52 -18.72
CA GLY B 229 -18.91 -13.16 -18.23
C GLY B 229 -19.99 -13.14 -19.29
N ILE B 230 -19.63 -12.82 -20.54
CA ILE B 230 -20.57 -12.77 -21.67
C ILE B 230 -20.71 -14.19 -22.24
N ASN B 231 -21.95 -14.71 -22.24
CA ASN B 231 -22.28 -16.04 -22.73
C ASN B 231 -23.14 -15.95 -24.00
N TYR B 232 -22.57 -15.39 -25.08
CA TYR B 232 -23.24 -15.24 -26.36
C TYR B 232 -23.24 -16.56 -27.13
N ARG B 233 -24.27 -16.77 -27.98
CA ARG B 233 -24.48 -17.98 -28.78
C ARG B 233 -23.31 -18.28 -29.74
N GLU B 234 -23.19 -19.57 -30.13
CA GLU B 234 -22.14 -20.17 -30.95
C GLU B 234 -22.00 -19.58 -32.37
N TRP B 235 -23.03 -18.89 -32.90
CA TRP B 235 -23.00 -18.31 -34.24
C TRP B 235 -22.21 -16.99 -34.32
N TYR B 236 -21.99 -16.31 -33.18
CA TYR B 236 -21.31 -15.02 -33.09
C TYR B 236 -19.83 -15.06 -33.53
N LYS B 237 -19.03 -16.03 -33.02
CA LYS B 237 -17.60 -16.17 -33.35
C LYS B 237 -17.34 -16.37 -34.87
N PRO B 238 -18.02 -17.30 -35.62
CA PRO B 238 -17.73 -17.41 -37.07
C PRO B 238 -18.30 -16.22 -37.87
N LEU B 239 -19.38 -15.57 -37.38
CA LEU B 239 -20.01 -14.40 -38.02
C LEU B 239 -19.05 -13.19 -37.96
N VAL B 240 -18.27 -13.08 -36.87
CA VAL B 240 -17.25 -12.05 -36.66
C VAL B 240 -16.13 -12.28 -37.70
N TRP B 241 -15.75 -13.57 -37.90
CA TRP B 241 -14.74 -13.99 -38.87
C TRP B 241 -15.23 -13.72 -40.32
N PHE B 242 -16.56 -13.79 -40.57
CA PHE B 242 -17.15 -13.49 -41.88
C PHE B 242 -17.09 -11.98 -42.15
N TRP B 243 -17.35 -11.16 -41.10
CA TRP B 243 -17.24 -9.70 -41.17
C TRP B 243 -15.80 -9.32 -41.51
N ILE B 244 -14.83 -10.01 -40.87
CA ILE B 244 -13.38 -9.86 -41.06
C ILE B 244 -13.06 -10.14 -42.54
N LEU B 245 -13.58 -11.26 -43.08
CA LEU B 245 -13.36 -11.70 -44.45
C LEU B 245 -13.73 -10.62 -45.49
N VAL B 246 -14.93 -10.02 -45.38
CA VAL B 246 -15.40 -8.99 -46.31
C VAL B 246 -14.83 -7.59 -45.96
N GLY B 247 -14.59 -7.35 -44.67
CA GLY B 247 -14.05 -6.10 -44.15
C GLY B 247 -12.59 -5.85 -44.50
N LEU B 248 -11.78 -6.94 -44.55
CA LEU B 248 -10.35 -6.87 -44.89
C LEU B 248 -10.17 -6.47 -46.35
N ALA B 249 -11.07 -6.96 -47.22
CA ALA B 249 -11.09 -6.64 -48.65
C ALA B 249 -11.42 -5.15 -48.86
N TYR B 250 -12.36 -4.61 -48.06
CA TYR B 250 -12.75 -3.20 -48.12
C TYR B 250 -11.59 -2.31 -47.65
N PHE B 251 -10.99 -2.65 -46.49
CA PHE B 251 -9.89 -1.90 -45.90
C PHE B 251 -8.63 -1.96 -46.77
N ALA B 252 -8.40 -3.09 -47.47
CA ALA B 252 -7.27 -3.27 -48.39
C ALA B 252 -7.37 -2.27 -49.54
N ALA B 253 -8.61 -2.04 -50.05
CA ALA B 253 -8.93 -1.11 -51.11
C ALA B 253 -8.75 0.34 -50.62
N VAL B 254 -9.21 0.63 -49.39
CA VAL B 254 -9.12 1.94 -48.74
C VAL B 254 -7.64 2.32 -48.55
N LEU B 255 -6.84 1.39 -47.99
CA LEU B 255 -5.41 1.62 -47.75
C LEU B 255 -4.65 1.72 -49.08
N SER B 256 -5.16 1.10 -50.15
CA SER B 256 -4.58 1.16 -51.49
C SER B 256 -4.83 2.54 -52.10
N MET B 257 -6.04 3.10 -51.85
CA MET B 257 -6.45 4.42 -52.32
C MET B 257 -5.68 5.54 -51.61
N ILE B 258 -5.36 5.34 -50.30
CA ILE B 258 -4.58 6.30 -49.50
C ILE B 258 -3.14 6.29 -50.06
N GLY B 259 -2.66 5.10 -50.44
CA GLY B 259 -1.36 4.90 -51.07
C GLY B 259 -1.32 5.59 -52.40
N ASP B 260 -2.39 5.41 -53.21
CA ASP B 260 -2.57 6.01 -54.53
C ASP B 260 -2.57 7.54 -54.43
N TRP B 261 -3.26 8.10 -53.41
CA TRP B 261 -3.30 9.54 -53.14
C TRP B 261 -1.93 10.06 -52.66
N LEU B 262 -1.15 9.20 -51.96
CA LEU B 262 0.19 9.54 -51.47
C LEU B 262 1.18 9.58 -52.65
N ARG B 263 0.91 8.78 -53.70
CA ARG B 263 1.72 8.72 -54.93
C ARG B 263 1.46 9.99 -55.77
N VAL B 264 0.23 10.55 -55.69
CA VAL B 264 -0.22 11.78 -56.36
C VAL B 264 0.53 12.97 -55.71
N LEU B 265 0.61 12.97 -54.37
CA LEU B 265 1.30 13.99 -53.56
C LEU B 265 2.83 13.91 -53.76
N SER B 266 3.35 12.72 -54.09
CA SER B 266 4.77 12.47 -54.36
C SER B 266 5.19 13.17 -55.66
N LYS B 267 4.37 13.02 -56.73
CA LYS B 267 4.60 13.65 -58.03
C LYS B 267 4.29 15.14 -57.96
N LYS C 8 -0.92 0.54 65.19
CA LYS C 8 -1.98 -0.32 65.70
C LYS C 8 -2.95 -0.70 64.59
N TRP C 9 -3.32 -2.00 64.52
CA TRP C 9 -4.24 -2.56 63.52
C TRP C 9 -5.66 -2.01 63.67
N LYS C 10 -6.10 -1.74 64.91
CA LYS C 10 -7.42 -1.20 65.24
C LYS C 10 -7.66 0.15 64.53
N THR C 11 -6.64 1.03 64.53
CA THR C 11 -6.69 2.35 63.90
C THR C 11 -6.54 2.24 62.38
N VAL C 12 -5.80 1.21 61.88
CA VAL C 12 -5.57 0.95 60.45
C VAL C 12 -6.91 0.61 59.77
N VAL C 13 -7.75 -0.23 60.42
CA VAL C 13 -9.07 -0.64 59.94
C VAL C 13 -10.00 0.60 59.90
N ALA C 14 -9.91 1.48 60.93
CA ALA C 14 -10.70 2.72 61.01
C ALA C 14 -10.44 3.64 59.82
N ILE C 15 -9.14 3.93 59.50
CA ILE C 15 -8.72 4.78 58.36
C ILE C 15 -9.19 4.12 57.05
N PHE C 16 -9.07 2.78 56.94
CA PHE C 16 -9.48 2.01 55.76
C PHE C 16 -10.98 2.22 55.46
N VAL C 17 -11.84 2.14 56.51
CA VAL C 17 -13.30 2.33 56.41
C VAL C 17 -13.61 3.77 55.93
N VAL C 18 -12.88 4.77 56.47
CA VAL C 18 -13.00 6.19 56.09
C VAL C 18 -12.65 6.36 54.60
N VAL C 19 -11.48 5.80 54.17
CA VAL C 19 -10.99 5.87 52.79
C VAL C 19 -11.98 5.16 51.83
N VAL C 20 -12.46 3.93 52.18
CA VAL C 20 -13.41 3.15 51.37
C VAL C 20 -14.70 3.98 51.18
N VAL C 21 -15.22 4.61 52.26
CA VAL C 21 -16.41 5.46 52.22
C VAL C 21 -16.12 6.67 51.31
N TYR C 22 -14.95 7.31 51.49
CA TYR C 22 -14.48 8.46 50.73
C TYR C 22 -14.37 8.13 49.21
N LEU C 23 -14.01 6.87 48.85
CA LEU C 23 -13.90 6.40 47.46
C LEU C 23 -15.28 6.14 46.85
N VAL C 24 -16.23 5.58 47.65
CA VAL C 24 -17.62 5.30 47.26
C VAL C 24 -18.33 6.64 47.01
N THR C 25 -18.14 7.62 47.94
CA THR C 25 -18.69 8.98 47.87
C THR C 25 -18.16 9.69 46.61
N GLY C 26 -16.84 9.67 46.43
CA GLY C 26 -16.17 10.28 45.28
C GLY C 26 -16.68 9.75 43.95
N GLY C 27 -16.78 8.42 43.85
CA GLY C 27 -17.28 7.72 42.67
C GLY C 27 -18.70 8.08 42.30
N LEU C 28 -19.57 8.30 43.31
CA LEU C 28 -20.97 8.67 43.11
C LEU C 28 -21.12 10.13 42.64
N VAL C 29 -20.20 11.02 43.08
CA VAL C 29 -20.19 12.44 42.66
C VAL C 29 -19.63 12.52 41.23
N PHE C 30 -18.56 11.76 40.93
CA PHE C 30 -17.93 11.73 39.62
C PHE C 30 -18.89 11.19 38.55
N ARG C 31 -19.64 10.11 38.85
CA ARG C 31 -20.61 9.52 37.90
C ARG C 31 -21.79 10.46 37.66
N ALA C 32 -22.17 11.27 38.67
CA ALA C 32 -23.25 12.24 38.58
C ALA C 32 -22.87 13.38 37.63
N LEU C 33 -21.58 13.71 37.57
CA LEU C 33 -21.03 14.77 36.74
C LEU C 33 -20.50 14.29 35.38
N GLU C 34 -20.13 12.99 35.24
CA GLU C 34 -19.51 12.49 34.00
C GLU C 34 -20.34 11.50 33.18
N GLN C 35 -21.12 10.60 33.82
CA GLN C 35 -21.91 9.59 33.09
C GLN C 35 -22.87 10.23 32.05
N PRO C 36 -23.60 11.36 32.30
CA PRO C 36 -24.48 11.90 31.25
C PRO C 36 -23.72 12.32 29.98
N PHE C 37 -22.50 12.89 30.14
CA PHE C 37 -21.66 13.30 29.02
C PHE C 37 -21.08 12.08 28.28
N GLU C 38 -20.74 11.02 29.03
CA GLU C 38 -20.20 9.76 28.49
C GLU C 38 -21.24 9.11 27.57
N SER C 39 -22.51 9.05 28.04
CA SER C 39 -23.65 8.49 27.30
C SER C 39 -23.97 9.35 26.08
N SER C 40 -23.70 10.67 26.15
CA SER C 40 -23.88 11.62 25.05
C SER C 40 -22.87 11.35 23.94
N GLN C 41 -21.58 11.13 24.31
CA GLN C 41 -20.51 10.85 23.36
C GLN C 41 -20.62 9.44 22.79
N LYS C 42 -21.24 8.50 23.55
CA LYS C 42 -21.44 7.11 23.13
C LYS C 42 -22.43 7.06 21.97
N ASN C 43 -23.45 7.94 22.01
CA ASN C 43 -24.49 8.07 21.00
C ASN C 43 -24.00 8.89 19.79
N THR C 44 -23.16 9.93 20.03
CA THR C 44 -22.61 10.83 19.00
C THR C 44 -21.72 10.06 18.01
N ILE C 45 -20.78 9.22 18.52
CA ILE C 45 -19.87 8.44 17.68
C ILE C 45 -20.66 7.36 16.92
N ALA C 46 -21.70 6.78 17.57
CA ALA C 46 -22.56 5.76 16.99
C ALA C 46 -23.28 6.30 15.74
N LEU C 47 -23.78 7.55 15.83
CA LEU C 47 -24.49 8.22 14.75
C LEU C 47 -23.53 8.71 13.66
N GLU C 48 -22.34 9.22 14.05
CA GLU C 48 -21.33 9.72 13.11
C GLU C 48 -20.75 8.60 12.23
N LYS C 49 -20.57 7.39 12.80
CA LYS C 49 -20.08 6.21 12.09
C LYS C 49 -21.16 5.70 11.15
N ALA C 50 -22.43 5.67 11.62
CA ALA C 50 -23.61 5.22 10.87
C ALA C 50 -23.92 6.14 9.68
N GLU C 51 -23.66 7.45 9.83
CA GLU C 51 -23.88 8.45 8.78
C GLU C 51 -22.82 8.32 7.68
N PHE C 52 -21.56 8.00 8.06
CA PHE C 52 -20.43 7.82 7.13
C PHE C 52 -20.68 6.60 6.22
N LEU C 53 -21.20 5.50 6.80
CA LEU C 53 -21.50 4.26 6.07
C LEU C 53 -22.68 4.44 5.10
N ARG C 54 -23.65 5.31 5.44
CA ARG C 54 -24.82 5.59 4.60
C ARG C 54 -24.43 6.50 3.43
N ASP C 55 -23.62 7.54 3.69
CA ASP C 55 -23.15 8.50 2.67
C ASP C 55 -22.07 7.90 1.78
N HIS C 56 -21.21 7.01 2.33
CA HIS C 56 -20.17 6.32 1.56
C HIS C 56 -20.47 4.83 1.54
N VAL C 57 -21.09 4.36 0.44
CA VAL C 57 -21.52 2.98 0.20
C VAL C 57 -20.35 2.07 -0.20
N CYS C 58 -19.30 2.64 -0.83
CA CYS C 58 -18.11 1.92 -1.26
C CYS C 58 -17.25 1.43 -0.05
N VAL C 59 -17.60 1.88 1.18
CA VAL C 59 -16.95 1.50 2.44
C VAL C 59 -17.86 0.53 3.21
N SER C 60 -17.30 -0.64 3.58
CA SER C 60 -17.99 -1.68 4.35
C SER C 60 -17.85 -1.41 5.87
N PRO C 61 -18.72 -1.97 6.75
CA PRO C 61 -18.56 -1.70 8.20
C PRO C 61 -17.26 -2.26 8.76
N GLN C 62 -16.68 -3.30 8.12
CA GLN C 62 -15.44 -3.92 8.53
C GLN C 62 -14.23 -3.05 8.13
N GLU C 63 -14.25 -2.47 6.90
CA GLU C 63 -13.18 -1.61 6.37
C GLU C 63 -13.09 -0.31 7.17
N LEU C 64 -14.24 0.18 7.70
CA LEU C 64 -14.34 1.38 8.53
C LEU C 64 -13.65 1.12 9.88
N GLU C 65 -13.94 -0.04 10.50
CA GLU C 65 -13.36 -0.45 11.79
C GLU C 65 -11.84 -0.59 11.70
N THR C 66 -11.34 -1.07 10.55
CA THR C 66 -9.91 -1.27 10.30
C THR C 66 -9.20 0.09 10.23
N LEU C 67 -9.80 1.10 9.54
CA LEU C 67 -9.23 2.44 9.44
C LEU C 67 -9.19 3.13 10.82
N ILE C 68 -10.32 3.10 11.57
CA ILE C 68 -10.41 3.69 12.90
C ILE C 68 -9.31 3.08 13.78
N GLN C 69 -9.14 1.74 13.74
CA GLN C 69 -8.12 1.02 14.51
C GLN C 69 -6.72 1.51 14.14
N HIS C 70 -6.45 1.72 12.83
CA HIS C 70 -5.17 2.23 12.32
C HIS C 70 -4.90 3.64 12.84
N ALA C 71 -5.97 4.47 12.96
CA ALA C 71 -5.89 5.84 13.47
C ALA C 71 -5.61 5.83 14.99
N LEU C 72 -6.28 4.92 15.74
CA LEU C 72 -6.12 4.77 17.19
C LEU C 72 -4.72 4.27 17.52
N ASP C 73 -4.21 3.26 16.76
CA ASP C 73 -2.87 2.68 16.92
C ASP C 73 -1.80 3.74 16.78
N ALA C 74 -2.00 4.69 15.83
CA ALA C 74 -1.09 5.81 15.58
C ALA C 74 -1.11 6.78 16.72
N ASP C 75 -2.32 7.10 17.24
CA ASP C 75 -2.52 8.03 18.35
C ASP C 75 -1.93 7.48 19.65
N ASN C 76 -2.06 6.15 19.87
CA ASN C 76 -1.51 5.46 21.04
C ASN C 76 0.02 5.55 21.03
N ALA C 77 0.62 5.46 19.84
CA ALA C 77 2.07 5.55 19.63
C ALA C 77 2.59 7.01 19.69
N GLY C 78 1.68 7.96 19.88
CA GLY C 78 2.00 9.38 19.97
C GLY C 78 2.17 10.06 18.63
N VAL C 79 1.41 9.61 17.62
CA VAL C 79 1.42 10.14 16.25
C VAL C 79 -0.02 10.53 15.89
N SER C 80 -0.27 11.82 15.62
CA SER C 80 -1.62 12.28 15.30
C SER C 80 -2.06 11.75 13.94
N PRO C 81 -3.21 11.06 13.84
CA PRO C 81 -3.68 10.58 12.52
C PRO C 81 -4.36 11.70 11.72
N ILE C 82 -4.06 12.97 12.05
CA ILE C 82 -4.58 14.18 11.41
C ILE C 82 -3.44 14.81 10.58
N GLY C 83 -3.75 15.19 9.34
CA GLY C 83 -2.81 15.81 8.42
C GLY C 83 -1.85 14.83 7.77
N ASN C 88 5.36 15.58 11.21
CA ASN C 88 6.67 16.18 11.03
C ASN C 88 7.40 16.37 12.38
N SER C 89 6.67 16.80 13.43
CA SER C 89 7.21 17.03 14.78
C SER C 89 7.54 15.69 15.48
N SER C 90 8.45 15.73 16.48
CA SER C 90 8.85 14.53 17.23
C SER C 90 8.62 14.68 18.74
N HIS C 91 8.39 13.54 19.41
CA HIS C 91 8.16 13.42 20.85
C HIS C 91 9.40 12.86 21.55
N TRP C 92 10.39 12.40 20.77
CA TRP C 92 11.61 11.80 21.31
C TRP C 92 12.87 12.62 20.95
N ASP C 93 12.71 13.91 20.60
CA ASP C 93 13.86 14.78 20.32
C ASP C 93 14.57 15.10 21.65
N LEU C 94 15.88 15.42 21.59
CA LEU C 94 16.75 15.73 22.74
C LEU C 94 16.02 16.43 23.91
N GLY C 95 15.21 17.44 23.59
CA GLY C 95 14.45 18.21 24.56
C GLY C 95 13.18 17.55 25.05
N SER C 96 12.36 16.99 24.12
CA SER C 96 11.10 16.32 24.42
C SER C 96 11.31 15.01 25.19
N ALA C 97 12.42 14.31 24.93
CA ALA C 97 12.79 13.06 25.60
C ALA C 97 13.29 13.34 27.02
N PHE C 98 13.96 14.51 27.23
CA PHE C 98 14.45 14.98 28.52
C PHE C 98 13.26 15.23 29.45
N PHE C 99 12.19 15.88 28.93
CA PHE C 99 10.98 16.16 29.68
C PHE C 99 10.24 14.86 29.98
N PHE C 100 10.26 13.87 29.04
CA PHE C 100 9.63 12.56 29.26
C PHE C 100 10.28 11.88 30.47
N ALA C 101 11.64 11.86 30.49
CA ALA C 101 12.43 11.30 31.57
C ALA C 101 12.05 11.93 32.90
N GLY C 102 11.92 13.27 32.91
CA GLY C 102 11.51 14.07 34.06
C GLY C 102 10.15 13.69 34.61
N THR C 103 9.20 13.37 33.70
CA THR C 103 7.83 12.95 33.99
C THR C 103 7.81 11.62 34.77
N VAL C 104 8.73 10.69 34.43
CA VAL C 104 8.87 9.38 35.07
C VAL C 104 9.45 9.54 36.50
N ILE C 105 10.55 10.31 36.62
CA ILE C 105 11.32 10.60 37.83
C ILE C 105 10.46 11.34 38.89
N THR C 106 9.61 12.27 38.45
CA THR C 106 8.71 13.06 39.33
C THR C 106 7.44 12.27 39.72
N THR C 107 7.24 11.07 39.12
CA THR C 107 6.10 10.14 39.27
C THR C 107 4.78 10.77 38.76
N ILE C 108 4.87 11.84 37.94
CA ILE C 108 3.70 12.49 37.35
C ILE C 108 3.06 11.52 36.34
N GLY C 109 3.88 11.01 35.42
CA GLY C 109 3.47 10.05 34.40
C GLY C 109 2.24 10.44 33.61
N TYR C 110 2.34 11.52 32.82
CA TYR C 110 1.27 12.05 31.98
C TYR C 110 0.70 10.99 31.04
N GLY C 111 1.57 10.17 30.45
CA GLY C 111 1.15 9.09 29.58
C GLY C 111 0.67 9.50 28.20
N ASN C 112 0.80 10.81 27.84
CA ASN C 112 0.49 11.33 26.50
C ASN C 112 1.46 10.64 25.53
N ILE C 113 2.68 10.39 26.02
CA ILE C 113 3.73 9.59 25.42
C ILE C 113 4.22 8.61 26.51
N ALA C 114 4.52 7.38 26.07
CA ALA C 114 4.99 6.26 26.89
C ALA C 114 5.80 5.28 26.03
N PRO C 115 6.76 4.50 26.58
CA PRO C 115 7.55 3.59 25.73
C PRO C 115 6.71 2.49 25.07
N SER C 116 6.85 2.36 23.73
CA SER C 116 6.16 1.38 22.90
C SER C 116 7.06 0.15 22.64
N THR C 117 8.37 0.36 22.59
CA THR C 117 9.38 -0.68 22.37
C THR C 117 9.53 -1.53 23.63
N GLU C 118 9.77 -2.85 23.45
CA GLU C 118 10.00 -3.83 24.53
C GLU C 118 11.19 -3.39 25.37
N GLY C 119 12.27 -2.97 24.70
CA GLY C 119 13.49 -2.47 25.32
C GLY C 119 13.28 -1.12 25.99
N GLY C 120 12.39 -0.32 25.41
CA GLY C 120 12.01 0.98 25.94
C GLY C 120 11.23 0.84 27.24
N LYS C 121 10.39 -0.21 27.34
CA LYS C 121 9.61 -0.54 28.53
C LYS C 121 10.53 -1.11 29.61
N ILE C 122 11.54 -1.93 29.21
CA ILE C 122 12.54 -2.53 30.11
C ILE C 122 13.37 -1.42 30.75
N PHE C 123 13.91 -0.50 29.91
CA PHE C 123 14.73 0.62 30.39
C PHE C 123 13.92 1.54 31.30
N CYS C 124 12.64 1.78 30.97
CA CYS C 124 11.77 2.62 31.79
C CYS C 124 11.59 2.04 33.21
N ILE C 125 11.48 0.69 33.34
CA ILE C 125 11.32 0.00 34.62
C ILE C 125 12.55 0.30 35.51
N LEU C 126 13.77 0.04 34.99
CA LEU C 126 15.03 0.29 35.69
C LEU C 126 15.23 1.78 35.98
N TYR C 127 14.91 2.65 34.99
CA TYR C 127 15.04 4.10 35.07
C TYR C 127 14.19 4.69 36.20
N ALA C 128 12.93 4.23 36.35
CA ALA C 128 12.02 4.69 37.40
C ALA C 128 12.48 4.21 38.80
N ILE C 129 12.80 2.90 38.93
CA ILE C 129 13.23 2.22 40.17
C ILE C 129 14.39 2.98 40.85
N PHE C 130 15.41 3.41 40.07
CA PHE C 130 16.58 4.12 40.62
C PHE C 130 16.46 5.63 40.52
N GLY C 131 15.65 6.12 39.58
CA GLY C 131 15.45 7.55 39.35
C GLY C 131 14.56 8.27 40.33
N ILE C 132 13.42 7.65 40.70
CA ILE C 132 12.46 8.21 41.65
C ILE C 132 13.17 8.50 43.01
N PRO C 133 13.98 7.57 43.62
CA PRO C 133 14.68 7.91 44.87
C PRO C 133 15.69 9.04 44.68
N LEU C 134 16.39 9.08 43.52
CA LEU C 134 17.37 10.11 43.15
C LEU C 134 16.72 11.51 43.16
N PHE C 135 15.46 11.62 42.63
CA PHE C 135 14.70 12.88 42.62
C PHE C 135 14.29 13.26 44.05
N GLY C 136 14.00 12.25 44.87
CA GLY C 136 13.61 12.41 46.27
C GLY C 136 14.55 13.29 47.05
N PHE C 137 15.87 13.14 46.78
CA PHE C 137 16.94 13.93 47.39
C PHE C 137 16.87 15.37 46.91
N LEU C 138 16.70 15.59 45.59
CA LEU C 138 16.59 16.93 45.00
C LEU C 138 15.34 17.65 45.52
N LEU C 139 14.21 16.93 45.65
CA LEU C 139 12.95 17.47 46.14
C LEU C 139 13.05 17.83 47.64
N ALA C 140 13.81 17.03 48.42
CA ALA C 140 14.04 17.29 49.84
C ALA C 140 14.96 18.50 50.01
N GLY C 141 15.91 18.65 49.07
CA GLY C 141 16.87 19.75 49.02
C GLY C 141 16.22 21.07 48.71
N ILE C 142 15.30 21.09 47.71
CA ILE C 142 14.52 22.27 47.32
C ILE C 142 13.55 22.61 48.46
N GLY C 143 12.99 21.57 49.09
CA GLY C 143 12.06 21.66 50.22
C GLY C 143 12.69 22.31 51.44
N ASP C 144 14.00 22.03 51.68
CA ASP C 144 14.78 22.60 52.79
C ASP C 144 15.16 24.04 52.49
N GLN C 145 15.46 24.36 51.20
CA GLN C 145 15.82 25.70 50.73
C GLN C 145 14.62 26.63 50.75
N LEU C 146 13.43 26.14 50.32
CA LEU C 146 12.17 26.90 50.30
C LEU C 146 11.68 27.17 51.73
N GLY C 147 11.98 26.23 52.65
CA GLY C 147 11.66 26.33 54.07
C GLY C 147 12.54 27.32 54.81
N THR C 148 13.68 27.70 54.18
CA THR C 148 14.64 28.67 54.70
C THR C 148 14.27 30.06 54.16
N ILE C 149 13.86 30.15 52.86
CA ILE C 149 13.45 31.40 52.20
C ILE C 149 12.14 31.90 52.81
N PHE C 150 11.10 31.04 52.90
CA PHE C 150 9.81 31.38 53.48
C PHE C 150 9.90 31.48 55.01
N GLY C 151 10.75 30.63 55.62
CA GLY C 151 10.97 30.58 57.07
C GLY C 151 11.54 31.87 57.64
N LYS C 152 12.47 32.51 56.91
CA LYS C 152 13.09 33.77 57.29
C LYS C 152 12.12 34.94 57.09
N SER C 153 11.29 34.87 56.04
CA SER C 153 10.28 35.88 55.71
C SER C 153 9.09 35.85 56.68
N ILE C 154 8.68 34.64 57.13
CA ILE C 154 7.58 34.45 58.07
C ILE C 154 7.97 34.92 59.48
N ALA C 155 9.25 34.70 59.87
CA ALA C 155 9.80 35.09 61.18
C ALA C 155 9.82 36.61 61.36
N ILE C 171 -1.03 32.77 66.04
CA ILE C 171 0.25 33.08 65.39
C ILE C 171 0.61 31.97 64.38
N ARG C 172 0.49 30.68 64.81
CA ARG C 172 0.77 29.50 63.98
C ARG C 172 -0.22 29.39 62.81
N VAL C 173 -1.49 29.79 63.04
CA VAL C 173 -2.56 29.78 62.03
C VAL C 173 -2.33 30.89 61.00
N ILE C 174 -1.92 32.11 61.45
CA ILE C 174 -1.61 33.26 60.60
C ILE C 174 -0.40 32.97 59.69
N SER C 175 0.62 32.26 60.23
CA SER C 175 1.83 31.86 59.50
C SER C 175 1.54 30.80 58.43
N THR C 176 0.61 29.86 58.72
CA THR C 176 0.19 28.79 57.81
C THR C 176 -0.64 29.40 56.66
N ILE C 177 -1.55 30.34 56.99
CA ILE C 177 -2.40 31.04 56.02
C ILE C 177 -1.57 31.96 55.14
N LEU C 178 -0.48 32.56 55.69
CA LEU C 178 0.44 33.45 54.97
C LEU C 178 1.29 32.67 53.95
N PHE C 179 1.82 31.49 54.34
CA PHE C 179 2.66 30.65 53.47
C PHE C 179 1.86 30.07 52.30
N ILE C 180 0.64 29.54 52.58
CA ILE C 180 -0.25 28.94 51.58
C ILE C 180 -0.64 30.00 50.54
N LEU C 181 -1.10 31.19 50.99
CA LEU C 181 -1.52 32.30 50.12
C LEU C 181 -0.35 32.84 49.27
N ALA C 182 0.86 32.98 49.85
CA ALA C 182 2.04 33.48 49.15
C ALA C 182 2.50 32.52 48.06
N GLY C 183 2.69 31.25 48.43
CA GLY C 183 3.11 30.18 47.51
C GLY C 183 2.08 29.86 46.44
N CYS C 184 0.78 30.02 46.76
CA CYS C 184 -0.33 29.78 45.84
C CYS C 184 -0.30 30.79 44.70
N ILE C 185 0.23 32.00 44.95
CA ILE C 185 0.36 33.05 43.95
C ILE C 185 1.52 32.71 43.01
N VAL C 186 2.71 32.42 43.58
CA VAL C 186 3.96 32.13 42.88
C VAL C 186 3.94 30.80 42.11
N PHE C 187 3.45 29.70 42.73
CA PHE C 187 3.49 28.36 42.13
C PHE C 187 2.19 27.90 41.44
N VAL C 188 1.01 28.48 41.79
CA VAL C 188 -0.25 28.03 41.18
C VAL C 188 -0.84 29.13 40.27
N THR C 189 -1.14 30.33 40.81
CA THR C 189 -1.79 31.44 40.12
C THR C 189 -0.95 31.98 38.93
N ILE C 190 0.27 32.52 39.18
CA ILE C 190 1.16 33.07 38.14
C ILE C 190 1.40 32.03 37.00
N PRO C 191 1.81 30.75 37.26
CA PRO C 191 2.02 29.82 36.14
C PRO C 191 0.75 29.49 35.36
N ALA C 192 -0.44 29.42 36.03
CA ALA C 192 -1.73 29.16 35.38
C ALA C 192 -2.10 30.28 34.41
N VAL C 193 -1.72 31.53 34.72
CA VAL C 193 -1.95 32.72 33.88
C VAL C 193 -1.09 32.58 32.61
N ILE C 194 0.17 32.09 32.76
CA ILE C 194 1.12 31.87 31.66
C ILE C 194 0.60 30.71 30.77
N PHE C 195 0.12 29.60 31.39
CA PHE C 195 -0.40 28.42 30.69
C PHE C 195 -1.70 28.73 29.93
N LYS C 196 -2.50 29.70 30.42
CA LYS C 196 -3.74 30.15 29.80
C LYS C 196 -3.46 30.94 28.51
N TYR C 197 -2.31 31.66 28.49
CA TYR C 197 -1.88 32.50 27.37
C TYR C 197 -1.03 31.73 26.35
N ILE C 198 -0.06 30.91 26.81
CA ILE C 198 0.83 30.16 25.92
C ILE C 198 0.10 28.96 25.29
N GLU C 199 -0.39 28.02 26.13
CA GLU C 199 -1.07 26.80 25.67
C GLU C 199 -2.51 27.05 25.19
N GLY C 200 -3.09 28.20 25.57
CA GLY C 200 -4.44 28.59 25.17
C GLY C 200 -5.55 27.81 25.84
N TRP C 201 -5.41 27.54 27.14
CA TRP C 201 -6.40 26.81 27.95
C TRP C 201 -7.31 27.80 28.67
N THR C 202 -8.46 27.31 29.20
CA THR C 202 -9.38 28.15 29.96
C THR C 202 -8.80 28.37 31.36
N ALA C 203 -9.35 29.33 32.13
CA ALA C 203 -8.90 29.64 33.49
C ALA C 203 -8.98 28.40 34.39
N LEU C 204 -10.08 27.61 34.25
CA LEU C 204 -10.33 26.36 34.97
C LEU C 204 -9.30 25.31 34.59
N GLU C 205 -9.15 25.04 33.26
CA GLU C 205 -8.25 24.03 32.69
C GLU C 205 -6.79 24.28 33.05
N SER C 206 -6.41 25.56 33.25
CA SER C 206 -5.07 25.98 33.64
C SER C 206 -4.78 25.59 35.10
N ILE C 207 -5.71 25.94 36.01
CA ILE C 207 -5.64 25.61 37.44
C ILE C 207 -5.70 24.09 37.62
N TYR C 208 -6.62 23.43 36.87
CA TYR C 208 -6.81 21.97 36.86
C TYR C 208 -5.50 21.27 36.48
N PHE C 209 -4.81 21.76 35.42
CA PHE C 209 -3.52 21.22 34.98
C PHE C 209 -2.46 21.33 36.08
N VAL C 210 -2.37 22.52 36.72
CA VAL C 210 -1.41 22.82 37.79
C VAL C 210 -1.60 21.83 38.95
N VAL C 211 -2.84 21.69 39.47
CA VAL C 211 -3.18 20.81 40.59
C VAL C 211 -2.87 19.34 40.20
N VAL C 212 -3.37 18.86 39.04
CA VAL C 212 -3.15 17.49 38.55
C VAL C 212 -1.64 17.19 38.40
N THR C 213 -0.85 18.17 37.93
CA THR C 213 0.61 18.06 37.77
C THR C 213 1.34 18.02 39.13
N LEU C 214 1.14 19.06 39.98
CA LEU C 214 1.83 19.22 41.26
C LEU C 214 1.40 18.23 42.36
N THR C 215 0.36 17.41 42.11
CA THR C 215 -0.04 16.35 43.04
C THR C 215 0.55 15.01 42.58
N THR C 216 1.28 15.04 41.43
CA THR C 216 1.92 13.91 40.72
C THR C 216 0.87 12.93 40.16
N VAL C 217 -0.41 13.36 40.06
CA VAL C 217 -1.50 12.54 39.52
C VAL C 217 -1.22 12.35 38.01
N GLY C 218 -1.10 13.47 37.28
CA GLY C 218 -0.76 13.52 35.86
C GLY C 218 -1.58 12.62 34.96
N PHE C 219 -2.85 12.99 34.71
CA PHE C 219 -3.76 12.24 33.84
C PHE C 219 -3.25 12.23 32.40
N GLY C 220 -2.77 13.38 31.93
CA GLY C 220 -2.27 13.53 30.57
C GLY C 220 -3.25 14.13 29.59
N ASP C 221 -4.47 14.50 30.07
CA ASP C 221 -5.50 15.16 29.28
C ASP C 221 -5.03 16.55 28.89
N PHE C 222 -4.29 17.19 29.81
CA PHE C 222 -3.64 18.48 29.63
C PHE C 222 -2.16 18.33 29.93
N VAL C 223 -1.31 18.66 28.94
CA VAL C 223 0.15 18.58 29.04
C VAL C 223 0.74 19.85 28.43
N ALA C 224 1.61 20.56 29.17
CA ALA C 224 2.26 21.78 28.70
C ALA C 224 3.26 21.45 27.57
N GLY C 225 3.12 22.14 26.44
CA GLY C 225 3.95 21.94 25.26
C GLY C 225 3.64 20.62 24.56
N GLY C 226 2.37 20.42 24.23
CA GLY C 226 1.91 19.19 23.60
C GLY C 226 1.09 19.41 22.34
N ASN C 227 0.68 20.67 22.08
CA ASN C 227 -0.14 21.04 20.91
C ASN C 227 0.67 20.94 19.61
N GLU C 234 12.09 26.68 22.27
CA GLU C 234 12.82 25.55 22.85
C GLU C 234 13.05 25.68 24.38
N TRP C 235 13.04 26.92 24.93
CA TRP C 235 13.28 27.18 26.36
C TRP C 235 12.04 26.90 27.24
N TYR C 236 10.84 26.83 26.64
CA TYR C 236 9.56 26.63 27.32
C TYR C 236 9.45 25.27 28.03
N LYS C 237 9.77 24.16 27.32
CA LYS C 237 9.70 22.79 27.86
C LYS C 237 10.59 22.58 29.12
N PRO C 238 11.91 22.94 29.16
CA PRO C 238 12.67 22.74 30.41
C PRO C 238 12.27 23.72 31.52
N LEU C 239 11.76 24.92 31.17
CA LEU C 239 11.29 25.93 32.13
C LEU C 239 10.04 25.44 32.87
N VAL C 240 9.19 24.65 32.17
CA VAL C 240 7.98 24.03 32.71
C VAL C 240 8.41 22.97 33.75
N TRP C 241 9.45 22.14 33.43
CA TRP C 241 9.99 21.14 34.36
C TRP C 241 10.65 21.84 35.57
N PHE C 242 11.24 23.04 35.39
CA PHE C 242 11.83 23.80 36.51
C PHE C 242 10.72 24.27 37.45
N TRP C 243 9.56 24.72 36.89
CA TRP C 243 8.38 25.13 37.66
C TRP C 243 7.89 23.93 38.46
N ILE C 244 7.87 22.74 37.82
CA ILE C 244 7.47 21.46 38.40
C ILE C 244 8.37 21.15 39.59
N LEU C 245 9.71 21.29 39.40
CA LEU C 245 10.74 21.04 40.41
C LEU C 245 10.50 21.82 41.73
N VAL C 246 10.25 23.14 41.63
CA VAL C 246 10.01 23.99 42.80
C VAL C 246 8.54 23.90 43.29
N GLY C 247 7.61 23.66 42.37
CA GLY C 247 6.19 23.55 42.66
C GLY C 247 5.81 22.28 43.39
N LEU C 248 6.50 21.16 43.12
CA LEU C 248 6.26 19.86 43.77
C LEU C 248 6.64 19.93 45.23
N ALA C 249 7.73 20.67 45.56
CA ALA C 249 8.21 20.88 46.92
C ALA C 249 7.20 21.68 47.73
N TYR C 250 6.57 22.70 47.10
CA TYR C 250 5.55 23.54 47.74
C TYR C 250 4.27 22.73 47.99
N PHE C 251 3.79 21.99 46.98
CA PHE C 251 2.58 21.18 47.07
C PHE C 251 2.76 20.02 48.04
N ALA C 252 4.00 19.47 48.18
CA ALA C 252 4.31 18.40 49.12
C ALA C 252 4.11 18.87 50.56
N ALA C 253 4.53 20.13 50.83
CA ALA C 253 4.39 20.81 52.12
C ALA C 253 2.91 21.10 52.40
N VAL C 254 2.17 21.58 51.38
CA VAL C 254 0.74 21.91 51.43
C VAL C 254 -0.07 20.65 51.76
N LEU C 255 0.19 19.53 51.03
CA LEU C 255 -0.50 18.26 51.25
C LEU C 255 -0.12 17.65 52.61
N SER C 256 1.07 17.99 53.13
CA SER C 256 1.52 17.54 54.45
C SER C 256 0.75 18.29 55.55
N MET C 257 0.50 19.59 55.32
CA MET C 257 -0.24 20.47 56.24
C MET C 257 -1.71 20.10 56.28
N ILE C 258 -2.30 19.66 55.14
CA ILE C 258 -3.70 19.22 55.04
C ILE C 258 -3.85 17.90 55.83
N GLY C 259 -2.81 17.05 55.76
CA GLY C 259 -2.74 15.80 56.52
C GLY C 259 -2.62 16.08 58.00
N ASP C 260 -1.81 17.11 58.35
CA ASP C 260 -1.61 17.57 59.73
C ASP C 260 -2.93 18.09 60.33
N TRP C 261 -3.68 18.95 59.58
CA TRP C 261 -4.98 19.52 59.99
C TRP C 261 -6.08 18.46 60.02
N LEU C 262 -5.88 17.32 59.32
CA LEU C 262 -6.79 16.18 59.30
C LEU C 262 -6.52 15.30 60.53
N ARG C 263 -5.23 15.13 60.90
CA ARG C 263 -4.76 14.38 62.07
C ARG C 263 -5.30 15.01 63.35
N VAL C 264 -5.51 16.35 63.35
CA VAL C 264 -6.07 17.14 64.45
C VAL C 264 -7.57 16.78 64.58
N LEU C 265 -8.28 16.66 63.44
CA LEU C 265 -9.69 16.30 63.36
C LEU C 265 -9.90 14.82 63.69
N LYS D 8 22.10 22.41 52.98
CA LYS D 8 23.19 23.17 52.36
C LYS D 8 23.00 23.28 50.85
N TRP D 9 23.19 24.50 50.30
CA TRP D 9 23.06 24.81 48.87
C TRP D 9 24.13 24.10 48.03
N LYS D 10 25.35 23.92 48.58
CA LYS D 10 26.47 23.24 47.92
C LYS D 10 26.09 21.81 47.52
N THR D 11 25.37 21.10 48.42
CA THR D 11 24.90 19.72 48.19
C THR D 11 23.66 19.70 47.26
N VAL D 12 22.81 20.74 47.31
CA VAL D 12 21.61 20.87 46.47
C VAL D 12 22.04 21.00 45.00
N VAL D 13 23.10 21.81 44.74
CA VAL D 13 23.67 22.02 43.40
C VAL D 13 24.21 20.68 42.88
N ALA D 14 24.89 19.91 43.75
CA ALA D 14 25.45 18.59 43.43
C ALA D 14 24.37 17.62 42.94
N ILE D 15 23.28 17.42 43.75
CA ILE D 15 22.17 16.52 43.43
C ILE D 15 21.49 16.97 42.10
N PHE D 16 21.30 18.30 41.93
CA PHE D 16 20.69 18.89 40.73
C PHE D 16 21.49 18.52 39.48
N VAL D 17 22.83 18.66 39.51
CA VAL D 17 23.75 18.35 38.42
C VAL D 17 23.65 16.84 38.08
N VAL D 18 23.59 15.96 39.11
CA VAL D 18 23.44 14.51 38.97
C VAL D 18 22.11 14.20 38.27
N VAL D 19 20.99 14.79 38.74
CA VAL D 19 19.64 14.61 38.21
C VAL D 19 19.58 15.11 36.74
N VAL D 20 20.11 16.32 36.45
CA VAL D 20 20.14 16.91 35.10
C VAL D 20 20.91 15.98 34.14
N VAL D 21 22.08 15.44 34.58
CA VAL D 21 22.88 14.50 33.80
C VAL D 21 22.05 13.22 33.58
N TYR D 22 21.43 12.69 34.66
CA TYR D 22 20.58 11.49 34.64
C TYR D 22 19.40 11.64 33.67
N LEU D 23 18.86 12.87 33.52
CA LEU D 23 17.76 13.13 32.60
C LEU D 23 18.25 13.19 31.17
N VAL D 24 19.40 13.87 30.92
CA VAL D 24 20.03 13.98 29.59
C VAL D 24 20.39 12.56 29.10
N THR D 25 20.99 11.73 29.98
CA THR D 25 21.34 10.33 29.73
C THR D 25 20.07 9.54 29.41
N GLY D 26 19.04 9.74 30.25
CA GLY D 26 17.73 9.12 30.15
C GLY D 26 17.05 9.35 28.82
N GLY D 27 16.99 10.62 28.39
CA GLY D 27 16.40 11.02 27.13
C GLY D 27 17.08 10.43 25.91
N LEU D 28 18.43 10.35 25.96
CA LEU D 28 19.27 9.81 24.89
C LEU D 28 19.07 8.30 24.71
N VAL D 29 18.84 7.55 25.81
CA VAL D 29 18.59 6.11 25.78
C VAL D 29 17.15 5.87 25.30
N PHE D 30 16.18 6.68 25.79
CA PHE D 30 14.77 6.57 25.43
C PHE D 30 14.55 6.85 23.95
N ARG D 31 15.17 7.91 23.39
CA ARG D 31 15.01 8.22 21.95
C ARG D 31 15.70 7.17 21.08
N ALA D 32 16.80 6.57 21.56
CA ALA D 32 17.52 5.52 20.84
C ALA D 32 16.63 4.28 20.69
N LEU D 33 15.82 4.00 21.71
CA LEU D 33 14.89 2.88 21.77
C LEU D 33 13.51 3.20 21.18
N GLU D 34 13.07 4.47 21.21
CA GLU D 34 11.71 4.84 20.81
C GLU D 34 11.54 5.64 19.50
N GLN D 35 12.44 6.60 19.18
CA GLN D 35 12.31 7.44 17.97
C GLN D 35 12.19 6.62 16.66
N PRO D 36 12.95 5.49 16.44
CA PRO D 36 12.76 4.74 15.19
C PRO D 36 11.35 4.16 15.03
N PHE D 37 10.72 3.69 16.13
CA PHE D 37 9.35 3.15 16.15
C PHE D 37 8.32 4.26 15.91
N GLU D 38 8.58 5.47 16.47
CA GLU D 38 7.71 6.64 16.31
C GLU D 38 7.70 7.06 14.85
N SER D 39 8.90 7.07 14.21
CA SER D 39 9.09 7.39 12.79
C SER D 39 8.41 6.32 11.95
N SER D 40 8.51 5.04 12.38
CA SER D 40 7.87 3.89 11.76
C SER D 40 6.34 4.03 11.82
N GLN D 41 5.81 4.52 12.95
CA GLN D 41 4.38 4.73 13.12
C GLN D 41 3.89 5.98 12.38
N LYS D 42 4.77 7.00 12.22
CA LYS D 42 4.47 8.24 11.50
C LYS D 42 4.21 7.92 10.03
N ASN D 43 4.91 6.90 9.53
CA ASN D 43 4.84 6.41 8.15
C ASN D 43 3.62 5.48 7.97
N THR D 44 3.39 4.51 8.88
CA THR D 44 2.29 3.53 8.79
C THR D 44 0.91 4.21 8.70
N ILE D 45 0.68 5.27 9.48
CA ILE D 45 -0.60 6.00 9.44
C ILE D 45 -0.75 6.73 8.11
N ALA D 46 0.35 7.34 7.62
CA ALA D 46 0.35 8.08 6.37
C ALA D 46 -0.08 7.16 5.24
N LEU D 47 0.52 5.94 5.19
CA LEU D 47 0.25 4.92 4.18
C LEU D 47 -1.17 4.39 4.26
N GLU D 48 -1.66 4.11 5.48
CA GLU D 48 -3.00 3.55 5.70
C GLU D 48 -4.12 4.54 5.34
N LYS D 49 -3.91 5.84 5.60
CA LYS D 49 -4.86 6.89 5.24
C LYS D 49 -4.95 7.00 3.72
N ALA D 50 -3.77 7.03 3.06
CA ALA D 50 -3.59 7.09 1.62
C ALA D 50 -4.19 5.85 0.94
N GLU D 51 -4.06 4.67 1.58
CA GLU D 51 -4.56 3.38 1.12
C GLU D 51 -6.09 3.36 1.11
N PHE D 52 -6.69 3.92 2.17
CA PHE D 52 -8.14 4.00 2.33
C PHE D 52 -8.76 4.85 1.22
N LEU D 53 -8.14 5.99 0.89
CA LEU D 53 -8.61 6.90 -0.14
C LEU D 53 -8.41 6.32 -1.55
N ARG D 54 -7.46 5.37 -1.71
CA ARG D 54 -7.18 4.66 -2.97
C ARG D 54 -8.26 3.64 -3.26
N ASP D 55 -8.52 2.75 -2.28
CA ASP D 55 -9.48 1.65 -2.37
C ASP D 55 -10.92 2.13 -2.21
N HIS D 56 -11.12 3.33 -1.61
CA HIS D 56 -12.44 3.94 -1.45
C HIS D 56 -12.43 5.33 -2.10
N VAL D 57 -12.74 5.36 -3.41
CA VAL D 57 -12.75 6.59 -4.21
C VAL D 57 -13.95 7.49 -3.86
N CYS D 58 -15.05 6.88 -3.36
CA CYS D 58 -16.27 7.59 -2.97
C CYS D 58 -16.05 8.47 -1.70
N VAL D 59 -14.88 8.30 -1.03
CA VAL D 59 -14.47 9.05 0.17
C VAL D 59 -13.39 10.07 -0.22
N SER D 60 -13.61 11.35 0.13
CA SER D 60 -12.68 12.45 -0.14
C SER D 60 -11.63 12.58 0.97
N PRO D 61 -10.44 13.22 0.74
CA PRO D 61 -9.46 13.35 1.84
C PRO D 61 -9.96 14.21 3.00
N GLN D 62 -10.92 15.11 2.72
CA GLN D 62 -11.53 16.00 3.71
C GLN D 62 -12.53 15.24 4.58
N GLU D 63 -13.36 14.36 3.97
CA GLU D 63 -14.36 13.52 4.66
C GLU D 63 -13.66 12.50 5.58
N LEU D 64 -12.43 12.08 5.22
CA LEU D 64 -11.59 11.16 5.98
C LEU D 64 -11.09 11.84 7.27
N GLU D 65 -10.64 13.11 7.16
CA GLU D 65 -10.15 13.91 8.28
C GLU D 65 -11.26 14.17 9.30
N THR D 66 -12.50 14.37 8.80
CA THR D 66 -13.71 14.61 9.59
C THR D 66 -14.02 13.37 10.44
N LEU D 67 -13.97 12.16 9.83
CA LEU D 67 -14.24 10.89 10.51
C LEU D 67 -13.19 10.59 11.57
N ILE D 68 -11.88 10.71 11.22
CA ILE D 68 -10.76 10.47 12.15
C ILE D 68 -10.93 11.37 13.37
N GLN D 69 -11.23 12.66 13.15
CA GLN D 69 -11.45 13.64 14.23
C GLN D 69 -12.61 13.19 15.14
N HIS D 70 -13.73 12.72 14.54
CA HIS D 70 -14.89 12.21 15.27
C HIS D 70 -14.54 10.99 16.11
N ALA D 71 -13.65 10.13 15.59
CA ALA D 71 -13.16 8.93 16.28
C ALA D 71 -12.26 9.31 17.45
N LEU D 72 -11.36 10.31 17.25
CA LEU D 72 -10.43 10.79 18.28
C LEU D 72 -11.20 11.49 19.41
N ASP D 73 -12.20 12.33 19.06
CA ASP D 73 -13.05 13.05 20.02
C ASP D 73 -13.76 12.07 20.96
N ALA D 74 -14.24 10.94 20.42
CA ALA D 74 -14.91 9.89 21.20
C ALA D 74 -13.92 9.18 22.11
N ASP D 75 -12.72 8.87 21.59
CA ASP D 75 -11.65 8.19 22.35
C ASP D 75 -11.16 9.06 23.50
N ASN D 76 -11.08 10.40 23.27
CA ASN D 76 -10.66 11.37 24.28
C ASN D 76 -11.68 11.39 25.43
N ALA D 77 -12.97 11.26 25.10
CA ALA D 77 -14.08 11.23 26.05
C ALA D 77 -14.22 9.86 26.76
N GLY D 78 -13.36 8.90 26.40
CA GLY D 78 -13.35 7.55 26.98
C GLY D 78 -14.38 6.61 26.38
N VAL D 79 -14.64 6.77 25.07
CA VAL D 79 -15.59 5.95 24.30
C VAL D 79 -14.83 5.38 23.10
N SER D 80 -14.71 4.04 23.02
CA SER D 80 -13.98 3.41 21.91
C SER D 80 -14.75 3.58 20.59
N PRO D 81 -14.13 4.16 19.55
CA PRO D 81 -14.84 4.30 18.27
C PRO D 81 -14.82 3.00 17.45
N ILE D 82 -14.63 1.86 18.14
CA ILE D 82 -14.60 0.51 17.58
C ILE D 82 -15.89 -0.22 17.99
N SER D 90 -19.72 0.87 30.47
CA SER D 90 -19.50 2.21 31.00
C SER D 90 -18.20 2.30 31.83
N HIS D 91 -17.65 3.53 31.92
CA HIS D 91 -16.43 3.84 32.68
C HIS D 91 -16.78 4.59 33.97
N TRP D 92 -18.05 5.00 34.12
CA TRP D 92 -18.51 5.75 35.28
C TRP D 92 -19.56 4.98 36.10
N ASP D 93 -19.63 3.64 35.95
CA ASP D 93 -20.54 2.82 36.76
C ASP D 93 -20.02 2.76 38.20
N LEU D 94 -20.92 2.53 39.18
CA LEU D 94 -20.63 2.47 40.63
C LEU D 94 -19.23 1.90 40.96
N GLY D 95 -18.84 0.80 40.31
CA GLY D 95 -17.56 0.14 40.50
C GLY D 95 -16.39 0.78 39.77
N SER D 96 -16.58 1.13 38.49
CA SER D 96 -15.55 1.75 37.65
C SER D 96 -15.22 3.18 38.11
N ALA D 97 -16.21 3.91 38.65
CA ALA D 97 -16.05 5.27 39.16
C ALA D 97 -15.31 5.25 40.49
N PHE D 98 -15.53 4.18 41.30
CA PHE D 98 -14.87 3.94 42.60
C PHE D 98 -13.37 3.75 42.38
N PHE D 99 -13.00 2.97 41.34
CA PHE D 99 -11.60 2.71 40.97
C PHE D 99 -10.97 3.99 40.42
N PHE D 100 -11.74 4.83 39.69
CA PHE D 100 -11.25 6.12 39.18
C PHE D 100 -10.84 7.01 40.35
N ALA D 101 -11.73 7.12 41.35
CA ALA D 101 -11.51 7.89 42.58
C ALA D 101 -10.22 7.43 43.26
N GLY D 102 -10.04 6.10 43.36
CA GLY D 102 -8.86 5.46 43.93
C GLY D 102 -7.57 5.82 43.23
N THR D 103 -7.63 5.95 41.89
CA THR D 103 -6.52 6.32 41.01
C THR D 103 -6.03 7.75 41.32
N VAL D 104 -6.95 8.67 41.66
CA VAL D 104 -6.66 10.07 41.99
C VAL D 104 -5.96 10.14 43.38
N ILE D 105 -6.56 9.44 44.38
CA ILE D 105 -6.14 9.38 45.80
C ILE D 105 -4.75 8.74 45.95
N THR D 106 -4.44 7.71 45.15
CA THR D 106 -3.14 7.01 45.18
C THR D 106 -2.05 7.77 44.38
N THR D 107 -2.45 8.85 43.67
CA THR D 107 -1.64 9.73 42.79
C THR D 107 -1.12 8.96 41.55
N ILE D 108 -1.71 7.79 41.23
CA ILE D 108 -1.32 6.99 40.06
C ILE D 108 -1.71 7.77 38.79
N GLY D 109 -2.97 8.22 38.72
CA GLY D 109 -3.52 9.00 37.63
C GLY D 109 -3.28 8.42 36.25
N TYR D 110 -3.87 7.25 35.97
CA TYR D 110 -3.75 6.52 34.69
C TYR D 110 -4.11 7.43 33.51
N GLY D 111 -5.22 8.15 33.64
CA GLY D 111 -5.64 9.07 32.59
C GLY D 111 -6.31 8.45 31.38
N ASN D 112 -6.59 7.12 31.43
CA ASN D 112 -7.34 6.43 30.38
C ASN D 112 -8.77 7.01 30.37
N ILE D 113 -9.24 7.37 31.60
CA ILE D 113 -10.49 8.03 31.95
C ILE D 113 -10.14 9.22 32.87
N ALA D 114 -10.61 10.44 32.50
CA ALA D 114 -10.39 11.69 33.22
C ALA D 114 -11.63 12.59 33.11
N PRO D 115 -11.92 13.49 34.08
CA PRO D 115 -13.14 14.31 33.97
C PRO D 115 -13.14 15.27 32.77
N SER D 116 -14.21 15.21 31.96
CA SER D 116 -14.42 16.04 30.77
C SER D 116 -15.27 17.28 31.10
N THR D 117 -16.20 17.14 32.05
CA THR D 117 -17.10 18.19 32.51
C THR D 117 -16.33 19.22 33.34
N GLU D 118 -16.70 20.51 33.21
CA GLU D 118 -16.12 21.64 33.94
C GLU D 118 -16.26 21.41 35.44
N GLY D 119 -17.45 20.96 35.86
CA GLY D 119 -17.77 20.61 37.24
C GLY D 119 -17.05 19.37 37.71
N GLY D 120 -16.84 18.44 36.78
CA GLY D 120 -16.10 17.21 37.03
C GLY D 120 -14.63 17.48 37.31
N LYS D 121 -14.08 18.54 36.65
CA LYS D 121 -12.72 18.99 36.82
C LYS D 121 -12.56 19.74 38.16
N ILE D 122 -13.55 20.61 38.53
CA ILE D 122 -13.55 21.37 39.80
C ILE D 122 -13.59 20.39 40.99
N PHE D 123 -14.42 19.33 40.90
CA PHE D 123 -14.53 18.33 41.96
C PHE D 123 -13.22 17.56 42.10
N CYS D 124 -12.59 17.18 40.96
CA CYS D 124 -11.33 16.44 40.93
C CYS D 124 -10.18 17.24 41.57
N ILE D 125 -10.25 18.59 41.55
CA ILE D 125 -9.24 19.47 42.17
C ILE D 125 -9.35 19.34 43.70
N LEU D 126 -10.54 19.58 44.27
CA LEU D 126 -10.82 19.52 45.71
C LEU D 126 -10.66 18.10 46.26
N TYR D 127 -11.13 17.07 45.48
CA TYR D 127 -11.08 15.66 45.85
C TYR D 127 -9.64 15.18 46.05
N ALA D 128 -8.71 15.58 45.15
CA ALA D 128 -7.29 15.23 45.21
C ALA D 128 -6.60 15.91 46.41
N ILE D 129 -6.78 17.25 46.55
CA ILE D 129 -6.20 18.11 47.59
C ILE D 129 -6.42 17.52 49.01
N PHE D 130 -7.64 17.05 49.31
CA PHE D 130 -7.97 16.50 50.64
C PHE D 130 -7.86 14.96 50.69
N GLY D 131 -8.01 14.30 49.54
CA GLY D 131 -7.97 12.85 49.44
C GLY D 131 -6.60 12.20 49.48
N ILE D 132 -5.59 12.82 48.83
CA ILE D 132 -4.21 12.33 48.81
C ILE D 132 -3.64 12.30 50.27
N PRO D 133 -3.79 13.35 51.13
CA PRO D 133 -3.28 13.24 52.51
C PRO D 133 -4.00 12.15 53.30
N LEU D 134 -5.33 11.98 53.08
CA LEU D 134 -6.16 10.96 53.72
C LEU D 134 -5.62 9.54 53.44
N PHE D 135 -5.19 9.29 52.18
CA PHE D 135 -4.59 8.01 51.78
C PHE D 135 -3.24 7.81 52.44
N GLY D 136 -2.49 8.92 52.61
CA GLY D 136 -1.17 8.95 53.24
C GLY D 136 -1.14 8.25 54.58
N PHE D 137 -2.22 8.43 55.37
CA PHE D 137 -2.39 7.80 56.68
C PHE D 137 -2.60 6.29 56.53
N LEU D 138 -3.45 5.87 55.58
CA LEU D 138 -3.73 4.46 55.30
C LEU D 138 -2.47 3.74 54.79
N LEU D 139 -1.69 4.42 53.93
CA LEU D 139 -0.44 3.89 53.36
C LEU D 139 0.63 3.75 54.46
N ALA D 140 0.67 4.70 55.41
CA ALA D 140 1.61 4.68 56.54
C ALA D 140 1.22 3.56 57.51
N GLY D 141 -0.08 3.33 57.65
CA GLY D 141 -0.66 2.28 58.50
C GLY D 141 -0.36 0.87 57.99
N ILE D 142 -0.51 0.66 56.67
CA ILE D 142 -0.22 -0.62 56.00
C ILE D 142 1.31 -0.83 56.05
N GLY D 143 2.06 0.27 55.87
CA GLY D 143 3.53 0.30 55.92
C GLY D 143 4.10 -0.10 57.25
N ASP D 144 3.42 0.27 58.36
CA ASP D 144 3.83 -0.11 59.72
C ASP D 144 3.50 -1.56 59.99
N GLN D 145 2.32 -2.03 59.50
CA GLN D 145 1.84 -3.42 59.65
C GLN D 145 2.74 -4.40 58.88
N LEU D 146 3.13 -4.06 57.64
CA LEU D 146 4.00 -4.89 56.81
C LEU D 146 5.40 -4.96 57.42
N GLY D 147 5.85 -3.84 58.00
CA GLY D 147 7.13 -3.71 58.69
C GLY D 147 7.21 -4.53 59.96
N THR D 148 6.04 -4.97 60.47
CA THR D 148 5.90 -5.81 61.66
C THR D 148 5.87 -7.28 61.22
N ILE D 149 5.16 -7.59 60.10
CA ILE D 149 5.06 -8.94 59.54
C ILE D 149 6.43 -9.39 59.00
N PHE D 150 7.06 -8.57 58.14
CA PHE D 150 8.37 -8.84 57.55
C PHE D 150 9.47 -8.66 58.59
N GLY D 151 9.31 -7.69 59.49
CA GLY D 151 10.26 -7.37 60.56
C GLY D 151 10.49 -8.52 61.53
N LYS D 152 9.40 -9.23 61.90
CA LYS D 152 9.44 -10.39 62.79
C LYS D 152 10.08 -11.60 62.08
N SER D 153 9.83 -11.75 60.76
CA SER D 153 10.37 -12.82 59.93
C SER D 153 11.88 -12.60 59.63
N ILE D 154 12.30 -11.33 59.44
CA ILE D 154 13.69 -10.94 59.16
C ILE D 154 14.55 -11.09 60.41
N ALA D 155 13.99 -10.78 61.61
CA ALA D 155 14.65 -10.87 62.91
C ALA D 155 15.04 -12.32 63.24
N ARG D 156 14.24 -13.30 62.76
CA ARG D 156 14.50 -14.74 62.95
C ARG D 156 15.77 -15.16 62.19
N VAL D 157 15.99 -14.55 61.00
CA VAL D 157 17.16 -14.78 60.16
C VAL D 157 18.36 -13.97 60.70
N GLU D 158 18.10 -12.74 61.19
CA GLU D 158 19.11 -11.83 61.75
C GLU D 158 19.78 -12.42 63.00
N LYS D 159 19.03 -13.20 63.81
CA LYS D 159 19.52 -13.85 65.02
C LYS D 159 20.49 -15.00 64.69
N VAL D 160 20.27 -15.67 63.53
CA VAL D 160 21.08 -16.78 63.04
C VAL D 160 22.50 -16.30 62.67
N PHE D 161 22.61 -15.18 61.92
CA PHE D 161 23.89 -14.61 61.49
C PHE D 161 24.66 -13.96 62.64
N ARG D 162 23.94 -13.48 63.69
CA ARG D 162 24.55 -12.86 64.88
C ARG D 162 25.41 -13.88 65.63
N LYS D 163 24.97 -15.16 65.66
CA LYS D 163 25.68 -16.28 66.27
C LYS D 163 26.90 -16.67 65.42
N LYS D 164 26.81 -16.48 64.08
CA LYS D 164 27.86 -16.79 63.11
C LYS D 164 28.96 -15.70 63.07
N GLN D 165 28.94 -14.75 64.04
CA GLN D 165 29.89 -13.63 64.23
C GLN D 165 29.97 -12.69 63.00
N VAL D 166 28.88 -12.61 62.21
CA VAL D 166 28.76 -11.76 61.01
C VAL D 166 28.61 -10.30 61.47
N SER D 167 29.23 -9.35 60.72
CA SER D 167 29.20 -7.91 60.97
C SER D 167 27.77 -7.35 60.92
N GLN D 168 27.50 -6.28 61.71
CA GLN D 168 26.21 -5.59 61.78
C GLN D 168 25.85 -4.95 60.43
N THR D 169 26.88 -4.73 59.58
CA THR D 169 26.76 -4.15 58.24
C THR D 169 26.09 -5.16 57.31
N LYS D 170 26.77 -6.32 57.10
CA LYS D 170 26.35 -7.43 56.23
C LYS D 170 24.98 -7.98 56.60
N ILE D 171 24.67 -8.13 57.91
CA ILE D 171 23.39 -8.64 58.42
C ILE D 171 22.23 -7.75 57.91
N ARG D 172 22.39 -6.42 58.01
CA ARG D 172 21.41 -5.43 57.55
C ARG D 172 21.26 -5.46 56.03
N VAL D 173 22.36 -5.75 55.30
CA VAL D 173 22.40 -5.85 53.84
C VAL D 173 21.64 -7.13 53.40
N ILE D 174 21.93 -8.27 54.07
CA ILE D 174 21.32 -9.60 53.82
C ILE D 174 19.80 -9.53 54.05
N SER D 175 19.36 -8.80 55.10
CA SER D 175 17.94 -8.61 55.45
C SER D 175 17.19 -7.81 54.37
N THR D 176 17.86 -6.78 53.81
CA THR D 176 17.34 -5.89 52.77
C THR D 176 17.09 -6.69 51.46
N ILE D 177 18.06 -7.54 51.05
CA ILE D 177 17.96 -8.40 49.86
C ILE D 177 16.84 -9.43 50.08
N LEU D 178 16.70 -9.94 51.32
CA LEU D 178 15.69 -10.92 51.72
C LEU D 178 14.27 -10.33 51.60
N PHE D 179 14.04 -9.12 52.18
CA PHE D 179 12.76 -8.44 52.15
C PHE D 179 12.32 -8.11 50.72
N ILE D 180 13.26 -7.62 49.88
CA ILE D 180 12.97 -7.27 48.49
C ILE D 180 12.59 -8.55 47.72
N LEU D 181 13.40 -9.62 47.79
CA LEU D 181 13.13 -10.89 47.09
C LEU D 181 11.78 -11.51 47.50
N ALA D 182 11.44 -11.49 48.81
CA ALA D 182 10.18 -12.05 49.33
C ALA D 182 8.97 -11.25 48.84
N GLY D 183 9.01 -9.93 49.03
CA GLY D 183 7.96 -9.01 48.62
C GLY D 183 7.80 -8.91 47.11
N CYS D 184 8.91 -9.08 46.36
CA CYS D 184 8.93 -9.04 44.90
C CYS D 184 8.13 -10.22 44.33
N ILE D 185 8.08 -11.35 45.06
CA ILE D 185 7.33 -12.54 44.66
C ILE D 185 5.83 -12.27 44.88
N VAL D 186 5.46 -11.84 46.10
CA VAL D 186 4.09 -11.60 46.56
C VAL D 186 3.41 -10.39 45.85
N PHE D 187 4.11 -9.24 45.74
CA PHE D 187 3.52 -8.01 45.19
C PHE D 187 3.83 -7.73 43.70
N VAL D 188 4.90 -8.30 43.12
CA VAL D 188 5.25 -8.03 41.73
C VAL D 188 5.03 -9.28 40.85
N THR D 189 5.74 -10.40 41.13
CA THR D 189 5.73 -11.65 40.36
C THR D 189 4.33 -12.30 40.30
N ILE D 190 3.76 -12.73 41.45
CA ILE D 190 2.43 -13.38 41.53
C ILE D 190 1.34 -12.51 40.83
N PRO D 191 1.17 -11.19 41.12
CA PRO D 191 0.12 -10.42 40.43
C PRO D 191 0.35 -10.28 38.91
N ALA D 192 1.63 -10.18 38.46
CA ALA D 192 1.97 -10.09 37.03
C ALA D 192 1.58 -11.36 36.27
N VAL D 193 1.65 -12.53 36.95
CA VAL D 193 1.27 -13.84 36.40
C VAL D 193 -0.28 -13.83 36.20
N ILE D 194 -1.02 -13.26 37.17
CA ILE D 194 -2.48 -13.14 37.13
C ILE D 194 -2.90 -12.17 36.01
N PHE D 195 -2.22 -11.01 35.89
CA PHE D 195 -2.49 -10.00 34.86
C PHE D 195 -2.19 -10.51 33.45
N LYS D 196 -1.18 -11.41 33.31
CA LYS D 196 -0.79 -12.03 32.04
C LYS D 196 -1.88 -12.97 31.54
N TYR D 197 -2.61 -13.62 32.48
CA TYR D 197 -3.66 -14.58 32.20
C TYR D 197 -5.05 -13.91 32.06
N ILE D 198 -5.41 -12.99 32.98
CA ILE D 198 -6.71 -12.32 32.98
C ILE D 198 -6.78 -11.26 31.85
N GLU D 199 -5.90 -10.24 31.89
CA GLU D 199 -5.88 -9.14 30.91
C GLU D 199 -5.26 -9.54 29.56
N GLY D 200 -4.51 -10.64 29.53
CA GLY D 200 -3.90 -11.17 28.32
C GLY D 200 -2.72 -10.37 27.80
N TRP D 201 -1.85 -9.89 28.73
CA TRP D 201 -0.65 -9.12 28.40
C TRP D 201 0.57 -10.05 28.32
N THR D 202 1.68 -9.55 27.74
CA THR D 202 2.93 -10.32 27.65
C THR D 202 3.60 -10.31 29.03
N ALA D 203 4.61 -11.18 29.26
CA ALA D 203 5.34 -11.26 30.52
C ALA D 203 5.98 -9.89 30.88
N LEU D 204 6.54 -9.21 29.87
CA LEU D 204 7.15 -7.88 29.98
C LEU D 204 6.11 -6.83 30.34
N GLU D 205 5.03 -6.75 29.56
CA GLU D 205 3.92 -5.79 29.71
C GLU D 205 3.25 -5.90 31.07
N SER D 206 3.23 -7.11 31.66
CA SER D 206 2.66 -7.39 32.98
C SER D 206 3.52 -6.76 34.08
N ILE D 207 4.85 -7.03 34.03
CA ILE D 207 5.84 -6.51 34.98
C ILE D 207 5.90 -4.98 34.83
N TYR D 208 5.92 -4.49 33.57
CA TYR D 208 5.92 -3.06 33.21
C TYR D 208 4.72 -2.35 33.84
N PHE D 209 3.51 -2.95 33.74
CA PHE D 209 2.29 -2.40 34.33
C PHE D 209 2.41 -2.29 35.85
N VAL D 210 2.91 -3.37 36.51
CA VAL D 210 3.09 -3.45 37.96
C VAL D 210 4.01 -2.32 38.44
N VAL D 211 5.21 -2.19 37.84
CA VAL D 211 6.21 -1.16 38.19
C VAL D 211 5.62 0.24 37.97
N VAL D 212 5.05 0.52 36.77
CA VAL D 212 4.44 1.82 36.42
C VAL D 212 3.31 2.18 37.41
N THR D 213 2.49 1.19 37.84
CA THR D 213 1.40 1.37 38.80
C THR D 213 1.93 1.64 40.22
N LEU D 214 2.75 0.72 40.77
CA LEU D 214 3.25 0.78 42.13
C LEU D 214 4.29 1.91 42.39
N THR D 215 4.75 2.61 41.34
CA THR D 215 5.64 3.76 41.51
C THR D 215 4.82 5.06 41.47
N THR D 216 3.49 4.92 41.27
CA THR D 216 2.45 5.96 41.13
C THR D 216 2.67 6.79 39.84
N VAL D 217 3.48 6.27 38.89
CA VAL D 217 3.74 6.94 37.60
C VAL D 217 2.41 6.93 36.80
N GLY D 218 1.87 5.73 36.57
CA GLY D 218 0.59 5.50 35.90
C GLY D 218 0.41 6.22 34.58
N PHE D 219 1.08 5.72 33.53
CA PHE D 219 1.00 6.30 32.18
C PHE D 219 -0.41 6.12 31.60
N GLY D 220 -1.01 4.95 31.83
CA GLY D 220 -2.34 4.62 31.33
C GLY D 220 -2.36 3.83 30.05
N ASP D 221 -1.18 3.47 29.51
CA ASP D 221 -1.03 2.65 28.31
C ASP D 221 -1.54 1.24 28.60
N PHE D 222 -1.32 0.78 29.85
CA PHE D 222 -1.80 -0.48 30.39
C PHE D 222 -2.57 -0.20 31.67
N VAL D 223 -3.85 -0.61 31.69
CA VAL D 223 -4.75 -0.46 32.84
C VAL D 223 -5.50 -1.79 33.04
N ALA D 224 -5.51 -2.30 34.28
CA ALA D 224 -6.21 -3.54 34.63
C ALA D 224 -7.73 -3.32 34.60
N GLY D 225 -8.42 -4.19 33.88
CA GLY D 225 -9.87 -4.12 33.71
C GLY D 225 -10.31 -2.95 32.84
N GLY D 226 -9.75 -2.90 31.63
CA GLY D 226 -10.05 -1.85 30.66
C GLY D 226 -10.51 -2.36 29.30
N ASN D 227 -10.32 -3.67 29.03
CA ASN D 227 -10.69 -4.31 27.76
C ASN D 227 -12.21 -4.45 27.63
N TYR D 232 -14.69 -10.00 32.71
CA TYR D 232 -14.54 -10.69 34.00
C TYR D 232 -15.50 -10.10 35.05
N ARG D 233 -15.78 -10.88 36.11
CA ARG D 233 -16.69 -10.56 37.21
C ARG D 233 -16.32 -9.26 37.96
N GLU D 234 -17.33 -8.68 38.64
CA GLU D 234 -17.32 -7.41 39.37
C GLU D 234 -16.30 -7.34 40.53
N TRP D 235 -15.81 -8.49 41.04
CA TRP D 235 -14.87 -8.53 42.17
C TRP D 235 -13.41 -8.20 41.75
N TYR D 236 -13.09 -8.31 40.44
CA TYR D 236 -11.74 -8.09 39.89
C TYR D 236 -11.24 -6.65 40.07
N LYS D 237 -12.04 -5.63 39.70
CA LYS D 237 -11.67 -4.20 39.79
C LYS D 237 -11.32 -3.76 41.25
N PRO D 238 -12.13 -4.03 42.32
CA PRO D 238 -11.70 -3.61 43.67
C PRO D 238 -10.55 -4.45 44.23
N LEU D 239 -10.39 -5.72 43.77
CA LEU D 239 -9.30 -6.62 44.18
C LEU D 239 -7.95 -6.09 43.66
N VAL D 240 -7.97 -5.45 42.47
CA VAL D 240 -6.82 -4.80 41.85
C VAL D 240 -6.42 -3.60 42.72
N TRP D 241 -7.43 -2.83 43.19
CA TRP D 241 -7.26 -1.67 44.06
C TRP D 241 -6.71 -2.08 45.44
N PHE D 242 -7.04 -3.31 45.90
CA PHE D 242 -6.54 -3.86 47.17
C PHE D 242 -5.08 -4.26 47.02
N TRP D 243 -4.69 -4.84 45.85
CA TRP D 243 -3.31 -5.19 45.52
C TRP D 243 -2.46 -3.93 45.50
N ILE D 244 -3.02 -2.84 44.91
CA ILE D 244 -2.42 -1.51 44.80
C ILE D 244 -2.15 -0.99 46.22
N LEU D 245 -3.15 -1.07 47.12
CA LEU D 245 -3.08 -0.63 48.52
C LEU D 245 -1.89 -1.22 49.28
N VAL D 246 -1.70 -2.55 49.21
CA VAL D 246 -0.61 -3.24 49.90
C VAL D 246 0.72 -3.16 49.11
N GLY D 247 0.62 -3.11 47.78
CA GLY D 247 1.76 -3.03 46.87
C GLY D 247 2.48 -1.70 46.90
N LEU D 248 1.72 -0.58 47.07
CA LEU D 248 2.28 0.78 47.15
C LEU D 248 3.12 0.95 48.39
N ALA D 249 2.69 0.32 49.52
CA ALA D 249 3.41 0.34 50.79
C ALA D 249 4.73 -0.39 50.66
N TYR D 250 4.74 -1.52 49.93
CA TYR D 250 5.94 -2.33 49.68
C TYR D 250 6.93 -1.54 48.83
N PHE D 251 6.45 -0.98 47.70
CA PHE D 251 7.25 -0.21 46.75
C PHE D 251 7.80 1.07 47.38
N ALA D 252 7.02 1.71 48.29
CA ALA D 252 7.43 2.91 49.00
C ALA D 252 8.65 2.62 49.86
N ALA D 253 8.66 1.44 50.52
CA ALA D 253 9.76 0.95 51.36
C ALA D 253 10.98 0.61 50.50
N VAL D 254 10.76 -0.04 49.33
CA VAL D 254 11.80 -0.44 48.37
C VAL D 254 12.50 0.82 47.83
N LEU D 255 11.71 1.83 47.38
CA LEU D 255 12.25 3.09 46.85
C LEU D 255 12.94 3.89 47.95
N SER D 256 12.53 3.71 49.22
CA SER D 256 13.14 4.36 50.37
C SER D 256 14.51 3.75 50.65
N MET D 257 14.63 2.41 50.50
CA MET D 257 15.85 1.63 50.70
C MET D 257 16.87 1.94 49.61
N ILE D 258 16.41 2.17 48.35
CA ILE D 258 17.27 2.53 47.21
C ILE D 258 17.83 3.93 47.47
N GLY D 259 17.02 4.79 48.08
CA GLY D 259 17.40 6.14 48.47
C GLY D 259 18.53 6.11 49.47
N ASP D 260 18.34 5.34 50.57
CA ASP D 260 19.32 5.14 51.64
C ASP D 260 20.60 4.49 51.10
N TRP D 261 20.48 3.53 50.16
CA TRP D 261 21.63 2.85 49.52
C TRP D 261 22.46 3.85 48.71
N LEU D 262 21.80 4.85 48.08
CA LEU D 262 22.46 5.89 47.30
C LEU D 262 23.20 6.87 48.21
N ARG D 263 22.65 7.12 49.44
CA ARG D 263 23.24 8.00 50.44
C ARG D 263 24.55 7.40 50.99
N VAL D 264 24.63 6.06 51.05
CA VAL D 264 25.80 5.28 51.48
C VAL D 264 26.91 5.44 50.42
N LEU D 265 26.52 5.37 49.12
CA LEU D 265 27.41 5.54 47.96
C LEU D 265 27.89 6.98 47.84
N SER D 266 27.08 7.96 48.34
CA SER D 266 27.40 9.39 48.34
C SER D 266 28.57 9.66 49.32
N LYS D 267 28.51 9.06 50.53
CA LYS D 267 29.56 9.19 51.55
C LYS D 267 30.78 8.36 51.11
N LYS D 268 30.58 7.04 50.87
CA LYS D 268 31.62 6.11 50.41
C LYS D 268 31.50 5.84 48.92
K K E . -1.01 -9.23 -30.60
K K F . -0.80 -8.89 -33.91
K K G . -0.64 -8.51 -37.01
K K H . -0.63 -8.31 -40.45
CD CD I . -5.50 -1.53 -2.17
CD CD J . -3.65 -1.65 5.11
C21 PC1 K . 22.69 -7.50 -46.82
C22 PC1 K . 22.20 -6.86 -45.54
C23 PC1 K . 21.84 -7.87 -44.46
C24 PC1 K . 21.47 -7.23 -43.13
C25 PC1 K . 21.27 -8.23 -42.01
C26 PC1 K . 20.91 -7.59 -40.67
C27 PC1 K . 20.70 -8.58 -39.53
C28 PC1 K . 20.35 -7.93 -38.21
C29 PC1 K . 19.96 -8.92 -37.11
C2A PC1 K . 19.46 -8.28 -35.84
C2B PC1 K . 19.01 -9.29 -34.80
C21 PC1 L . -22.97 -6.78 -48.45
C22 PC1 L . -22.69 -7.68 -47.25
C23 PC1 L . -22.62 -6.96 -45.92
C24 PC1 L . -22.30 -7.87 -44.74
C25 PC1 L . -22.24 -7.15 -43.41
C26 PC1 L . -21.99 -8.07 -42.23
C27 PC1 L . -21.93 -7.35 -40.88
C28 PC1 L . -21.66 -8.28 -39.69
C29 PC1 L . -21.40 -7.53 -38.39
C2A PC1 L . -20.97 -8.41 -37.22
C2B PC1 L . -20.67 -7.65 -35.95
K K M . -1.56 9.23 32.57
K K N . -0.16 9.54 35.58
K K O . 1.14 9.80 38.44
K K P . 2.35 9.97 41.60
#